data_6P8M
#
_entry.id   6P8M
#
_cell.length_a   146.796
_cell.length_b   176.755
_cell.length_c   108.573
_cell.angle_alpha   90.00
_cell.angle_beta   90.00
_cell.angle_gamma   90.00
#
_symmetry.space_group_name_H-M   'C 2 2 2'
#
loop_
_entity.id
_entity.type
_entity.pdbx_description
1 polymer Gp120
2 polymer 'P-p3b3 Heavy Chain'
3 polymer 'P-p3b3 Light Chain'
4 branched alpha-D-mannopyranose-(1-3)-[alpha-D-mannopyranose-(1-6)]beta-D-mannopyranose-(1-4)-2-acetamido-2-deoxy-beta-D-glucopyranose-(1-4)-2-acetamido-2-deoxy-beta-D-glucopyranose
5 non-polymer 2-acetamido-2-deoxy-beta-D-glucopyranose
6 non-polymer 'AMMONIUM ION'
7 non-polymer 1,2-ETHANEDIOL
8 non-polymer DI(HYDROXYETHYL)ETHER
9 non-polymer 'SODIUM ION'
10 non-polymer 'CHLORIDE ION'
11 water water
#
loop_
_entity_poly.entity_id
_entity_poly.type
_entity_poly.pdbx_seq_one_letter_code
_entity_poly.pdbx_strand_id
1 'polypeptide(L)'
;VWKEAKTTLFCASDAKAYEKECHNVWATHACVPTDPNPQEVVLENVTENFNMWKNDMVDQMQEDVISIWDQCLKPCVKLT
NTSTLTQACPKVTFDPIPIHYCAPAGYAILKCNNKTFNGKGPCNNVSTVQCTHGIKPVVSTQLLLNGSLAEEEIVIRSKN
LRDNAKIIIVQLNKSVEIVCTRPNNGGSGSGGDIRQAYCNISGRNWSEAVNQVKKKLKEHFPHKNISFQSSSGGDLEITT
HSFNCGGEFFYCNTSGLFNDTISNATIMLPCRIKQIINMWQEVGKAIYAPPIKGNITCKSDITGLLLLRDGCDTTDNTEI
FRPSGGDMRDNWRSELYKYKVVEIKPL
;
C
2 'polypeptide(L)'
;QVQLVQSGAEVKKPGASVKVSCKASGYTFTGYYIHWVRQAPGQGLEWMGWINPNRGGTNYCQKFQGRVTMTRDTSISTAY
MELSRLRSDDTAVYYCARGINSDYTWDFQHWGQGTLVTVSSASTKGPSVFPLAPSSKSTSGGTAALGCLVKDYFPEPVTV
SWNSGALTSGVHTFPAVLQSSGLYSLSSVVTVPSSSLGTQTYICNVNHKPSNTKVDKRVEPKSCDKTHHHHHH
;
H
3 'polypeptide(L)'
;DIVMSQSPSSLAVSVGEKVTMSCKSSQSLLYSSNQKNYLAWYQQKPGQSPKLLIYWASTRESGVPDRFTGSGSGTDFTLT
ISSVKAEDLAVYYCQQYETLGSGTKLEIKRTVAAPSVFIFPPSDEQLKSGTASVVCLLNNFYPREAKVQWKVDNALQSGN
SQESVTEQDSKDSTYSLSSTLTLSKADYEKHKVYACEVTHQGLSSPVTKSFNRGEC
;
L
#
loop_
_chem_comp.id
_chem_comp.type
_chem_comp.name
_chem_comp.formula
BMA D-saccharide, beta linking beta-D-mannopyranose 'C6 H12 O6'
CL non-polymer 'CHLORIDE ION' 'Cl -1'
EDO non-polymer 1,2-ETHANEDIOL 'C2 H6 O2'
MAN D-saccharide, alpha linking alpha-D-mannopyranose 'C6 H12 O6'
NA non-polymer 'SODIUM ION' 'Na 1'
NAG D-saccharide, beta linking 2-acetamido-2-deoxy-beta-D-glucopyranose 'C8 H15 N O6'
NH4 non-polymer 'AMMONIUM ION' 'H4 N 1'
PEG non-polymer DI(HYDROXYETHYL)ETHER 'C4 H10 O3'
#
# COMPACT_ATOMS: atom_id res chain seq x y z
N GLU A 4 32.87 -9.48 16.67
CA GLU A 4 31.80 -8.58 16.24
C GLU A 4 30.73 -8.47 17.31
N ALA A 5 30.61 -7.30 17.92
CA ALA A 5 29.64 -7.10 18.99
C ALA A 5 29.27 -5.62 19.06
N LYS A 6 28.48 -5.28 20.08
CA LYS A 6 28.02 -3.92 20.34
C LYS A 6 28.55 -3.43 21.69
N THR A 7 29.05 -2.19 21.71
CA THR A 7 29.52 -1.59 22.95
C THR A 7 29.27 -0.09 22.90
N THR A 8 29.40 0.56 24.05
CA THR A 8 29.15 1.99 24.16
C THR A 8 30.34 2.78 23.63
N LEU A 9 30.14 3.45 22.50
CA LEU A 9 31.14 4.34 21.93
C LEU A 9 31.25 5.61 22.78
N PHE A 10 32.30 6.37 22.52
CA PHE A 10 32.45 7.71 23.06
C PHE A 10 32.94 8.63 21.94
N CYS A 11 32.81 9.92 22.16
CA CYS A 11 33.05 10.90 21.11
C CYS A 11 34.25 11.77 21.45
N ALA A 12 34.92 12.25 20.41
CA ALA A 12 36.04 13.16 20.51
C ALA A 12 35.87 14.28 19.50
N SER A 13 36.35 15.47 19.87
CA SER A 13 36.18 16.65 19.05
C SER A 13 37.31 17.61 19.36
N ASP A 14 37.50 18.58 18.46
CA ASP A 14 38.37 19.72 18.70
C ASP A 14 37.62 20.86 19.37
N ALA A 15 36.70 20.56 20.28
CA ALA A 15 35.89 21.61 20.88
C ALA A 15 36.76 22.45 21.81
N LYS A 16 36.51 23.75 21.78
CA LYS A 16 37.23 24.74 22.58
C LYS A 16 36.42 25.07 23.82
N ALA A 17 37.05 24.96 24.99
CA ALA A 17 36.36 25.24 26.25
C ALA A 17 35.97 26.70 26.43
N TYR A 18 36.51 27.61 25.62
CA TYR A 18 36.15 29.01 25.68
C TYR A 18 35.18 29.43 24.58
N GLU A 19 35.09 28.66 23.50
CA GLU A 19 34.14 28.97 22.44
C GLU A 19 32.72 28.86 22.96
N LYS A 20 31.88 29.85 22.66
CA LYS A 20 30.51 29.87 23.14
C LYS A 20 29.50 29.35 22.12
N GLU A 21 29.94 28.89 20.95
CA GLU A 21 29.04 28.15 20.07
C GLU A 21 28.57 26.89 20.78
N CYS A 22 27.30 26.53 20.57
CA CYS A 22 26.66 25.56 21.46
C CYS A 22 27.18 24.15 21.26
N HIS A 23 27.49 23.79 20.01
CA HIS A 23 28.07 22.47 19.75
C HIS A 23 29.38 22.28 20.51
N ASN A 24 30.20 23.32 20.58
CA ASN A 24 31.44 23.22 21.35
C ASN A 24 31.13 23.03 22.83
N VAL A 25 30.19 23.80 23.35
CA VAL A 25 29.86 23.71 24.77
C VAL A 25 29.30 22.33 25.12
N TRP A 26 28.52 21.75 24.21
CA TRP A 26 28.03 20.39 24.43
C TRP A 26 29.17 19.38 24.35
N ALA A 27 30.03 19.50 23.34
CA ALA A 27 31.09 18.52 23.14
C ALA A 27 32.10 18.57 24.28
N THR A 28 32.34 19.76 24.83
CA THR A 28 33.24 19.86 25.99
C THR A 28 32.66 19.13 27.19
N HIS A 29 31.36 18.88 27.21
CA HIS A 29 30.73 18.21 28.33
C HIS A 29 30.58 16.71 28.11
N ALA A 30 30.46 16.27 26.84
CA ALA A 30 30.21 14.87 26.54
C ALA A 30 31.31 14.20 25.72
N CYS A 31 32.20 14.96 25.11
CA CYS A 31 33.25 14.43 24.25
C CYS A 31 34.63 14.70 24.87
N VAL A 32 35.53 13.75 24.67
CA VAL A 32 36.94 13.89 25.08
C VAL A 32 37.70 14.68 24.02
N PRO A 33 38.93 15.09 24.29
CA PRO A 33 39.73 15.76 23.25
C PRO A 33 40.04 14.82 22.09
N THR A 34 40.28 15.43 20.93
CA THR A 34 40.70 14.69 19.76
C THR A 34 42.06 14.05 19.97
N ASP A 35 42.12 12.74 19.74
CA ASP A 35 43.37 12.01 19.93
C ASP A 35 44.43 12.53 18.98
N PRO A 36 45.55 13.08 19.48
CA PRO A 36 46.51 13.73 18.58
C PRO A 36 47.23 12.76 17.65
N ASN A 37 47.31 11.48 18.02
CA ASN A 37 48.05 10.46 17.26
C ASN A 37 47.09 9.35 16.85
N PRO A 38 46.46 9.45 15.67
CA PRO A 38 45.52 8.39 15.26
C PRO A 38 46.26 7.24 14.61
N GLN A 39 45.90 6.02 15.02
CA GLN A 39 46.53 4.79 14.55
C GLN A 39 45.69 4.09 13.48
N GLU A 40 46.06 4.26 12.21
CA GLU A 40 45.44 3.48 11.14
C GLU A 40 46.23 2.20 10.90
N VAL A 41 45.55 1.06 10.92
CA VAL A 41 46.18 -0.26 10.83
C VAL A 41 45.50 -0.97 9.66
N VAL A 42 46.26 -1.21 8.59
CA VAL A 42 45.71 -1.83 7.38
C VAL A 42 45.87 -3.34 7.47
N LEU A 43 44.74 -4.05 7.57
CA LEU A 43 44.77 -5.51 7.54
C LEU A 43 45.05 -5.96 6.12
N GLU A 44 46.07 -6.80 5.95
CA GLU A 44 46.51 -7.20 4.62
C GLU A 44 45.76 -8.45 4.17
N ASN A 45 45.23 -8.42 2.94
CA ASN A 45 44.59 -9.58 2.33
C ASN A 45 43.48 -10.15 3.22
N VAL A 46 42.64 -9.24 3.73
CA VAL A 46 41.54 -9.62 4.62
C VAL A 46 40.26 -9.01 4.06
N THR A 47 39.21 -9.82 3.97
CA THR A 47 37.88 -9.34 3.60
C THR A 47 36.89 -9.59 4.72
N GLU A 48 36.02 -8.60 4.96
CA GLU A 48 35.02 -8.68 6.01
C GLU A 48 33.72 -8.07 5.51
N ASN A 49 32.60 -8.60 6.00
CA ASN A 49 31.30 -8.10 5.59
C ASN A 49 30.93 -6.84 6.36
N PHE A 50 30.26 -5.91 5.68
CA PHE A 50 29.72 -4.71 6.29
C PHE A 50 28.24 -4.58 5.94
N ASN A 51 27.52 -3.82 6.76
CA ASN A 51 26.10 -3.56 6.51
C ASN A 51 25.77 -2.21 7.16
N MET A 52 25.82 -1.15 6.35
CA MET A 52 25.50 0.19 6.81
C MET A 52 24.06 0.34 7.26
N TRP A 53 23.18 -0.57 6.86
CA TRP A 53 21.75 -0.45 7.16
C TRP A 53 21.37 -1.12 8.47
N LYS A 54 22.25 -1.92 9.06
CA LYS A 54 22.04 -2.49 10.39
C LYS A 54 23.29 -2.24 11.21
N ASN A 55 23.52 -0.97 11.53
CA ASN A 55 24.75 -0.51 12.19
C ASN A 55 24.35 0.25 13.44
N ASP A 56 24.61 -0.33 14.61
CA ASP A 56 24.22 0.29 15.86
C ASP A 56 24.91 1.64 16.07
N MET A 57 25.99 1.90 15.34
CA MET A 57 26.67 3.19 15.45
C MET A 57 25.74 4.33 15.01
N VAL A 58 24.92 4.09 13.99
CA VAL A 58 24.03 5.12 13.51
C VAL A 58 23.00 5.48 14.57
N ASP A 59 22.46 4.47 15.25
CA ASP A 59 21.47 4.72 16.29
C ASP A 59 22.09 5.45 17.48
N GLN A 60 23.38 5.22 17.76
CA GLN A 60 24.03 5.94 18.84
C GLN A 60 24.30 7.39 18.45
N MET A 61 24.68 7.63 17.19
CA MET A 61 24.89 9.01 16.76
C MET A 61 23.58 9.78 16.77
N GLN A 62 22.49 9.11 16.37
CA GLN A 62 21.17 9.73 16.46
C GLN A 62 20.89 10.20 17.88
N GLU A 63 21.11 9.32 18.87
CA GLU A 63 20.86 9.67 20.26
C GLU A 63 21.72 10.85 20.70
N ASP A 64 22.91 10.99 20.11
CA ASP A 64 23.78 12.11 20.47
C ASP A 64 23.27 13.41 19.88
N VAL A 65 22.89 13.40 18.60
CA VAL A 65 22.37 14.61 17.97
C VAL A 65 21.05 15.04 18.60
N ILE A 66 20.24 14.10 19.10
CA ILE A 66 19.07 14.49 19.89
C ILE A 66 19.50 15.19 21.18
N SER A 67 20.53 14.68 21.86
CA SER A 67 21.01 15.36 23.06
C SER A 67 21.56 16.73 22.71
N ILE A 68 22.26 16.86 21.58
CA ILE A 68 22.77 18.16 21.16
C ILE A 68 21.62 19.14 20.96
N TRP A 69 20.58 18.72 20.23
CA TRP A 69 19.50 19.65 19.91
C TRP A 69 18.62 19.93 21.13
N ASP A 70 18.47 18.94 22.02
CA ASP A 70 17.78 19.17 23.28
C ASP A 70 18.46 20.23 24.14
N GLN A 71 19.70 20.59 23.82
CA GLN A 71 20.43 21.62 24.57
C GLN A 71 20.71 22.88 23.77
N CYS A 72 20.91 22.77 22.45
CA CYS A 72 21.20 23.92 21.59
C CYS A 72 19.93 24.61 21.11
N LEU A 73 19.03 23.86 20.48
CA LEU A 73 17.84 24.41 19.85
C LEU A 73 16.62 23.98 20.67
N LYS A 74 16.54 24.53 21.87
CA LYS A 74 15.38 24.35 22.73
C LYS A 74 14.19 25.10 22.12
N PRO A 75 13.07 24.43 21.86
CA PRO A 75 11.90 25.14 21.32
C PRO A 75 11.18 25.92 22.39
N CYS A 76 10.52 27.00 21.96
CA CYS A 76 9.67 27.74 22.89
C CYS A 76 8.49 26.88 23.32
N VAL A 77 7.93 26.10 22.41
CA VAL A 77 6.82 25.21 22.70
C VAL A 77 7.09 23.87 22.01
N LYS A 78 6.89 22.77 22.74
CA LYS A 78 7.05 21.44 22.21
C LYS A 78 5.75 20.68 22.41
N LEU A 79 5.15 20.23 21.30
CA LEU A 79 3.82 19.64 21.31
C LEU A 79 3.92 18.18 20.90
N THR A 80 3.52 17.30 21.80
CA THR A 80 3.39 15.88 21.51
C THR A 80 1.93 15.52 21.80
N ASN A 81 1.42 14.50 21.13
CA ASN A 81 0.01 14.16 21.36
C ASN A 81 -0.23 13.65 22.77
N THR A 82 0.80 13.57 23.61
CA THR A 82 0.65 13.17 25.01
C THR A 82 1.37 14.13 25.96
N SER A 83 1.89 15.25 25.48
CA SER A 83 2.62 16.18 26.34
C SER A 83 2.65 17.56 25.69
N THR A 84 2.73 18.58 26.54
CA THR A 84 2.84 19.97 26.11
C THR A 84 3.90 20.67 26.95
N LEU A 85 4.87 21.29 26.29
CA LEU A 85 5.99 21.94 26.96
C LEU A 85 6.11 23.39 26.52
N THR A 86 6.24 24.30 27.49
CA THR A 86 6.50 25.70 27.24
C THR A 86 7.70 26.09 28.06
N GLN A 87 8.74 26.63 27.42
CA GLN A 87 10.00 26.93 28.08
C GLN A 87 10.67 28.09 27.38
N ALA A 88 11.67 28.66 28.07
CA ALA A 88 12.49 29.69 27.46
C ALA A 88 13.27 29.10 26.28
N CYS A 89 13.43 29.90 25.23
CA CYS A 89 14.03 29.46 23.98
C CYS A 89 15.00 30.51 23.50
N PRO A 90 16.09 30.72 24.23
CA PRO A 90 17.05 31.75 23.82
C PRO A 90 17.84 31.31 22.60
N LYS A 91 18.10 32.26 21.71
CA LYS A 91 18.88 31.96 20.51
C LYS A 91 20.30 31.55 20.90
N VAL A 92 20.91 30.72 20.05
CA VAL A 92 22.27 30.25 20.27
C VAL A 92 23.02 30.33 18.95
N THR A 93 24.34 30.29 19.05
CA THR A 93 25.19 30.12 17.88
C THR A 93 25.17 28.65 17.45
N PHE A 94 25.01 28.41 16.15
CA PHE A 94 24.77 27.08 15.64
C PHE A 94 25.65 26.90 14.41
N ASP A 95 26.52 25.89 14.45
CA ASP A 95 27.40 25.55 13.33
C ASP A 95 27.94 24.15 13.54
N PRO A 96 27.57 23.17 12.71
CA PRO A 96 27.99 21.80 12.99
C PRO A 96 29.50 21.65 12.89
N ILE A 97 30.08 21.08 13.94
CA ILE A 97 31.50 20.78 13.99
C ILE A 97 31.72 19.28 13.80
N PRO A 98 32.87 18.86 13.27
CA PRO A 98 33.09 17.42 13.08
C PRO A 98 33.17 16.70 14.42
N ILE A 99 32.67 15.47 14.45
CA ILE A 99 32.69 14.67 15.67
C ILE A 99 33.30 13.31 15.33
N HIS A 100 34.30 12.89 16.10
CA HIS A 100 34.89 11.57 15.95
C HIS A 100 34.30 10.60 16.97
N TYR A 101 33.97 9.40 16.51
CA TYR A 101 33.41 8.35 17.35
C TYR A 101 34.44 7.23 17.53
N CYS A 102 34.72 6.90 18.80
CA CYS A 102 35.84 6.05 19.16
C CYS A 102 35.33 4.85 19.94
N ALA A 103 36.05 3.74 19.82
CA ALA A 103 35.71 2.54 20.58
C ALA A 103 36.52 2.47 21.87
N PRO A 104 35.92 1.96 22.94
CA PRO A 104 36.66 1.82 24.21
C PRO A 104 37.65 0.67 24.18
N ALA A 105 38.24 0.36 25.32
CA ALA A 105 39.18 -0.76 25.38
C ALA A 105 38.44 -2.08 25.12
N GLY A 106 39.18 -3.02 24.53
CA GLY A 106 38.62 -4.28 24.11
C GLY A 106 37.77 -4.22 22.86
N TYR A 107 37.76 -3.10 22.16
CA TYR A 107 36.99 -2.96 20.93
C TYR A 107 37.77 -2.09 19.95
N ALA A 108 37.44 -2.24 18.67
CA ALA A 108 38.07 -1.48 17.60
C ALA A 108 37.02 -1.15 16.55
N ILE A 109 37.38 -0.21 15.67
CA ILE A 109 36.49 0.24 14.60
C ILE A 109 37.14 -0.16 13.28
N LEU A 110 36.49 -1.06 12.55
CA LEU A 110 36.96 -1.44 11.22
C LEU A 110 36.54 -0.38 10.21
N LYS A 111 37.44 -0.06 9.29
CA LYS A 111 37.22 0.96 8.28
C LYS A 111 37.51 0.38 6.90
N CYS A 112 36.56 0.52 5.99
CA CYS A 112 36.73 0.06 4.62
C CYS A 112 37.39 1.16 3.80
N ASN A 113 38.52 0.84 3.16
CA ASN A 113 39.29 1.78 2.38
C ASN A 113 39.06 1.58 0.88
N ASN A 114 38.26 0.58 0.52
CA ASN A 114 37.76 0.43 -0.85
C ASN A 114 36.97 1.66 -1.27
N LYS A 115 37.40 2.29 -2.36
CA LYS A 115 36.85 3.57 -2.77
C LYS A 115 35.55 3.47 -3.56
N THR A 116 35.13 2.27 -3.95
CA THR A 116 33.88 2.08 -4.67
C THR A 116 32.89 1.19 -3.92
N PHE A 117 33.15 0.89 -2.65
CA PHE A 117 32.24 0.05 -1.89
C PHE A 117 30.90 0.72 -1.75
N ASN A 118 29.83 -0.02 -2.07
CA ASN A 118 28.49 0.56 -2.09
C ASN A 118 27.81 0.55 -0.73
N GLY A 119 28.47 0.05 0.31
CA GLY A 119 27.97 0.12 1.67
C GLY A 119 27.43 -1.17 2.22
N LYS A 120 27.22 -2.19 1.38
CA LYS A 120 26.68 -3.47 1.83
C LYS A 120 27.43 -4.58 1.12
N GLY A 121 27.96 -5.52 1.88
CA GLY A 121 28.67 -6.64 1.31
C GLY A 121 30.11 -6.70 1.80
N PRO A 122 30.90 -7.54 1.15
CA PRO A 122 32.31 -7.70 1.56
C PRO A 122 33.20 -6.55 1.10
N CYS A 123 34.14 -6.18 1.97
CA CYS A 123 35.14 -5.16 1.67
C CYS A 123 36.52 -5.82 1.81
N ASN A 124 37.38 -5.57 0.82
CA ASN A 124 38.68 -6.23 0.72
C ASN A 124 39.84 -5.40 1.25
N ASN A 125 39.75 -4.09 1.23
CA ASN A 125 40.82 -3.22 1.70
C ASN A 125 40.49 -2.70 3.10
N VAL A 126 40.31 -3.66 4.01
CA VAL A 126 39.85 -3.38 5.37
C VAL A 126 41.00 -2.92 6.23
N SER A 127 40.71 -1.97 7.12
CA SER A 127 41.67 -1.52 8.11
C SER A 127 40.91 -1.21 9.39
N THR A 128 41.65 -1.13 10.50
CA THR A 128 41.09 -0.85 11.81
C THR A 128 41.61 0.47 12.34
N VAL A 129 40.72 1.26 12.94
CA VAL A 129 41.09 2.53 13.56
C VAL A 129 40.43 2.60 14.93
N GLN A 130 40.93 3.52 15.75
CA GLN A 130 40.33 3.74 17.07
C GLN A 130 39.16 4.70 17.00
N CYS A 131 39.21 5.69 16.11
CA CYS A 131 38.14 6.67 15.97
C CYS A 131 37.82 6.84 14.49
N THR A 132 36.60 7.28 14.22
CA THR A 132 36.22 7.70 12.87
C THR A 132 36.87 9.03 12.52
N HIS A 133 36.69 9.44 11.27
CA HIS A 133 37.13 10.75 10.83
C HIS A 133 36.17 11.82 11.36
N GLY A 134 36.36 13.06 10.94
CA GLY A 134 35.50 14.14 11.38
C GLY A 134 34.17 14.13 10.67
N ILE A 135 33.07 14.03 11.43
CA ILE A 135 31.73 13.97 10.87
C ILE A 135 30.92 15.12 11.44
N LYS A 136 30.49 16.04 10.58
CA LYS A 136 29.64 17.15 11.02
C LYS A 136 28.20 16.67 11.14
N PRO A 137 27.53 16.90 12.28
CA PRO A 137 26.12 16.47 12.42
C PRO A 137 25.15 17.45 11.77
N VAL A 138 25.11 17.41 10.44
CA VAL A 138 24.27 18.32 9.66
C VAL A 138 22.92 17.64 9.43
N VAL A 139 21.88 18.21 10.01
CA VAL A 139 20.51 17.74 9.80
C VAL A 139 19.97 18.39 8.54
N SER A 140 19.57 17.56 7.57
CA SER A 140 19.02 18.08 6.32
C SER A 140 18.16 17.00 5.67
N THR A 141 17.46 17.41 4.62
CA THR A 141 16.66 16.50 3.81
C THR A 141 16.96 16.72 2.34
N GLN A 142 16.59 15.72 1.53
CA GLN A 142 16.78 15.77 0.08
C GLN A 142 18.26 15.84 -0.29
N LEU A 143 18.95 16.87 0.16
CA LEU A 143 20.36 17.08 -0.13
C LEU A 143 21.17 16.81 1.13
N LEU A 144 22.15 15.91 1.01
CA LEU A 144 23.11 15.71 2.09
C LEU A 144 24.22 16.74 1.99
N LEU A 145 24.49 17.42 3.10
CA LEU A 145 25.39 18.56 3.11
C LEU A 145 26.59 18.27 4.00
N ASN A 146 27.74 18.81 3.61
CA ASN A 146 28.91 18.89 4.47
C ASN A 146 29.38 17.53 4.96
N GLY A 147 29.22 16.50 4.15
CA GLY A 147 29.66 15.17 4.46
C GLY A 147 31.01 14.88 3.83
N SER A 148 31.31 13.59 3.70
CA SER A 148 32.53 13.17 3.02
C SER A 148 32.21 12.80 1.58
N LEU A 149 33.17 13.03 0.70
CA LEU A 149 33.01 12.73 -0.71
C LEU A 149 33.56 11.34 -1.03
N ALA A 150 33.20 10.86 -2.22
CA ALA A 150 33.78 9.64 -2.74
C ALA A 150 35.17 9.90 -3.30
N GLU A 151 36.12 9.03 -2.96
CA GLU A 151 37.51 9.24 -3.36
C GLU A 151 37.74 8.87 -4.82
N GLU A 152 36.91 7.98 -5.38
CA GLU A 152 37.08 7.55 -6.75
C GLU A 152 35.92 8.10 -7.56
N GLU A 153 34.81 7.39 -7.69
CA GLU A 153 33.65 7.80 -8.48
C GLU A 153 32.40 7.81 -7.62
N ILE A 154 31.29 8.22 -8.24
CA ILE A 154 30.02 8.36 -7.52
C ILE A 154 29.59 6.99 -7.03
N VAL A 155 29.18 6.90 -5.77
CA VAL A 155 28.76 5.63 -5.17
C VAL A 155 27.26 5.68 -4.92
N ILE A 156 26.56 4.62 -5.32
CA ILE A 156 25.13 4.47 -5.07
C ILE A 156 24.97 3.44 -3.95
N ARG A 157 24.19 3.79 -2.93
CA ARG A 157 24.01 2.94 -1.75
C ARG A 157 22.52 2.70 -1.51
N SER A 158 22.10 1.44 -1.52
CA SER A 158 20.72 1.11 -1.20
C SER A 158 20.64 -0.29 -0.61
N LYS A 159 19.81 -0.45 0.42
CA LYS A 159 19.52 -1.77 0.96
C LYS A 159 18.99 -2.71 -0.12
N ASN A 160 18.28 -2.16 -1.11
CA ASN A 160 17.84 -2.93 -2.27
C ASN A 160 17.34 -1.97 -3.34
N LEU A 161 18.12 -1.82 -4.41
CA LEU A 161 17.75 -0.89 -5.48
C LEU A 161 16.44 -1.28 -6.13
N ARG A 162 16.10 -2.57 -6.11
CA ARG A 162 14.85 -3.03 -6.71
C ARG A 162 13.63 -2.77 -5.84
N ASP A 163 13.82 -2.36 -4.59
CA ASP A 163 12.72 -2.01 -3.69
C ASP A 163 12.53 -0.50 -3.73
N ASN A 164 11.40 -0.04 -4.25
CA ASN A 164 11.16 1.39 -4.37
C ASN A 164 10.84 2.05 -3.04
N ALA A 165 10.56 1.28 -1.99
CA ALA A 165 10.33 1.84 -0.67
C ALA A 165 11.60 2.09 0.12
N LYS A 166 12.75 1.61 -0.37
CA LYS A 166 14.01 1.78 0.31
C LYS A 166 14.68 3.07 -0.17
N ILE A 167 15.12 3.91 0.77
CA ILE A 167 15.82 5.14 0.39
C ILE A 167 17.07 4.80 -0.40
N ILE A 168 17.43 5.69 -1.32
CA ILE A 168 18.65 5.58 -2.11
C ILE A 168 19.57 6.73 -1.75
N ILE A 169 20.72 6.41 -1.15
CA ILE A 169 21.71 7.42 -0.76
C ILE A 169 22.78 7.50 -1.85
N VAL A 170 22.97 8.69 -2.42
CA VAL A 170 23.99 8.91 -3.44
C VAL A 170 25.11 9.71 -2.80
N GLN A 171 26.35 9.30 -3.05
CA GLN A 171 27.53 10.04 -2.60
C GLN A 171 28.35 10.51 -3.79
N LEU A 172 28.48 11.82 -3.93
CA LEU A 172 29.24 12.42 -5.01
C LEU A 172 30.74 12.35 -4.67
N ASN A 173 31.57 12.51 -5.70
CA ASN A 173 33.00 12.63 -5.51
C ASN A 173 33.51 14.06 -5.61
N LYS A 174 32.64 15.03 -5.87
CA LYS A 174 33.07 16.43 -5.94
C LYS A 174 31.85 17.25 -5.59
N SER A 175 31.94 18.03 -4.50
CA SER A 175 30.83 18.77 -3.97
C SER A 175 30.42 19.93 -4.88
N VAL A 176 29.15 20.32 -4.75
CA VAL A 176 28.58 21.49 -5.39
C VAL A 176 28.18 22.48 -4.30
N GLU A 177 28.47 23.75 -4.54
CA GLU A 177 28.28 24.79 -3.55
C GLU A 177 26.88 25.37 -3.64
N ILE A 178 26.24 25.53 -2.49
CA ILE A 178 24.91 26.13 -2.39
C ILE A 178 24.97 27.22 -1.33
N VAL A 179 24.53 28.42 -1.69
CA VAL A 179 24.59 29.59 -0.81
C VAL A 179 23.16 30.05 -0.54
N CYS A 180 22.69 29.81 0.68
CA CYS A 180 21.33 30.16 1.09
C CYS A 180 21.41 31.35 2.05
N THR A 181 20.80 32.47 1.65
CA THR A 181 20.89 33.70 2.42
C THR A 181 19.49 34.28 2.63
N ARG A 182 19.25 34.77 3.85
CA ARG A 182 18.08 35.60 4.13
C ARG A 182 18.53 37.05 4.30
N PRO A 183 18.36 37.91 3.30
CA PRO A 183 18.80 39.30 3.44
C PRO A 183 17.85 40.11 4.32
N ASN A 184 18.21 41.37 4.52
CA ASN A 184 17.37 42.29 5.29
C ASN A 184 17.80 43.73 5.07
N ASP A 193 8.79 41.08 4.15
CA ASP A 193 8.68 39.73 4.66
C ASP A 193 10.00 39.25 5.26
N ILE A 194 10.03 39.15 6.59
CA ILE A 194 11.25 38.80 7.31
C ILE A 194 11.58 37.33 7.15
N ARG A 195 10.62 36.52 6.69
CA ARG A 195 10.77 35.08 6.50
C ARG A 195 10.96 34.67 5.04
N GLN A 196 11.25 35.61 4.15
CA GLN A 196 11.54 35.29 2.76
C GLN A 196 13.04 35.17 2.57
N ALA A 197 13.49 34.01 2.07
CA ALA A 197 14.89 33.70 1.82
C ALA A 197 15.03 33.05 0.44
N TYR A 198 16.28 32.81 0.04
CA TYR A 198 16.57 32.22 -1.27
C TYR A 198 17.94 31.57 -1.23
N CYS A 199 18.17 30.65 -2.18
CA CYS A 199 19.46 30.00 -2.36
C CYS A 199 19.92 30.15 -3.81
N ASN A 200 21.24 30.26 -3.98
CA ASN A 200 21.88 30.31 -5.28
C ASN A 200 22.81 29.11 -5.46
N ILE A 201 22.74 28.50 -6.63
CA ILE A 201 23.57 27.33 -6.96
C ILE A 201 23.90 27.40 -8.43
N SER A 202 25.16 27.08 -8.75
CA SER A 202 25.63 27.09 -10.13
C SER A 202 24.89 26.03 -10.96
N GLY A 203 24.14 26.50 -11.96
CA GLY A 203 23.44 25.58 -12.84
C GLY A 203 24.37 24.74 -13.70
N ARG A 204 25.51 25.30 -14.10
CA ARG A 204 26.48 24.51 -14.86
C ARG A 204 27.02 23.35 -14.03
N ASN A 205 27.43 23.63 -12.78
CA ASN A 205 27.96 22.57 -11.94
C ASN A 205 26.87 21.61 -11.47
N TRP A 206 25.63 22.08 -11.36
CA TRP A 206 24.56 21.19 -10.95
C TRP A 206 24.15 20.27 -12.09
N SER A 207 23.95 20.83 -13.29
CA SER A 207 23.66 19.97 -14.43
C SER A 207 24.83 19.03 -14.71
N GLU A 208 26.05 19.49 -14.49
CA GLU A 208 27.21 18.61 -14.60
C GLU A 208 27.14 17.46 -13.61
N ALA A 209 26.61 17.73 -12.41
CA ALA A 209 26.53 16.69 -11.38
C ALA A 209 25.33 15.77 -11.62
N VAL A 210 24.22 16.33 -12.11
CA VAL A 210 23.05 15.51 -12.37
C VAL A 210 23.33 14.52 -13.48
N ASN A 211 24.01 14.96 -14.53
CA ASN A 211 24.32 14.07 -15.64
C ASN A 211 25.25 12.94 -15.22
N GLN A 212 26.15 13.20 -14.27
CA GLN A 212 27.01 12.13 -13.76
C GLN A 212 26.23 11.14 -12.91
N VAL A 213 25.29 11.63 -12.09
CA VAL A 213 24.48 10.72 -11.30
C VAL A 213 23.56 9.91 -12.21
N LYS A 214 23.02 10.56 -13.24
CA LYS A 214 22.18 9.85 -14.20
C LYS A 214 22.99 8.75 -14.89
N LYS A 215 24.23 9.04 -15.25
CA LYS A 215 25.08 8.03 -15.88
C LYS A 215 25.33 6.87 -14.94
N LYS A 216 25.56 7.15 -13.65
CA LYS A 216 25.77 6.08 -12.68
C LYS A 216 24.50 5.28 -12.43
N LEU A 217 23.35 5.93 -12.42
CA LEU A 217 22.10 5.18 -12.28
C LEU A 217 21.82 4.32 -13.50
N LYS A 218 22.20 4.80 -14.70
CA LYS A 218 21.93 4.02 -15.90
C LYS A 218 22.73 2.72 -15.92
N GLU A 219 23.88 2.68 -15.23
CA GLU A 219 24.66 1.45 -15.18
C GLU A 219 23.92 0.33 -14.46
N HIS A 220 23.01 0.68 -13.55
CA HIS A 220 22.18 -0.28 -12.84
C HIS A 220 20.83 -0.48 -13.48
N PHE A 221 20.41 0.43 -14.37
CA PHE A 221 19.16 0.33 -15.11
C PHE A 221 19.45 0.60 -16.58
N PRO A 222 20.15 -0.31 -17.26
CA PRO A 222 20.50 -0.06 -18.65
C PRO A 222 19.27 -0.03 -19.54
N HIS A 223 19.48 0.49 -20.74
CA HIS A 223 18.43 0.71 -21.74
C HIS A 223 17.34 1.66 -21.27
N LYS A 224 17.57 2.40 -20.18
CA LYS A 224 16.55 3.25 -19.58
C LYS A 224 17.01 4.69 -19.53
N ASN A 225 16.07 5.61 -19.80
CA ASN A 225 16.26 7.03 -19.54
C ASN A 225 16.09 7.34 -18.05
N ILE A 226 16.98 8.16 -17.52
CA ILE A 226 16.96 8.53 -16.11
C ILE A 226 16.41 9.95 -15.99
N SER A 227 15.33 10.12 -15.21
CA SER A 227 14.65 11.40 -15.06
C SER A 227 14.67 11.83 -13.60
N PHE A 228 14.88 13.12 -13.39
CA PHE A 228 14.78 13.75 -12.08
C PHE A 228 13.54 14.64 -12.03
N GLN A 229 12.67 14.39 -11.05
CA GLN A 229 11.46 15.17 -10.85
C GLN A 229 11.31 15.52 -9.38
N SER A 230 10.34 16.38 -9.09
CA SER A 230 10.14 16.87 -7.74
C SER A 230 9.48 15.80 -6.86
N SER A 231 9.46 16.07 -5.55
CA SER A 231 8.93 15.11 -4.59
C SER A 231 7.48 14.78 -4.89
N SER A 232 7.09 13.54 -4.56
CA SER A 232 5.72 13.11 -4.77
C SER A 232 4.76 13.71 -3.74
N GLY A 233 5.25 14.14 -2.59
CA GLY A 233 4.41 14.73 -1.58
C GLY A 233 4.97 14.49 -0.19
N GLY A 234 4.20 14.93 0.79
CA GLY A 234 4.51 14.78 2.20
C GLY A 234 4.60 16.14 2.88
N ASP A 235 5.10 16.11 4.12
CA ASP A 235 5.31 17.34 4.86
C ASP A 235 6.31 18.24 4.12
N LEU A 236 6.25 19.53 4.43
CA LEU A 236 7.14 20.49 3.79
C LEU A 236 8.60 20.19 4.07
N GLU A 237 8.89 19.43 5.13
CA GLU A 237 10.28 19.07 5.42
C GLU A 237 10.88 18.25 4.31
N ILE A 238 10.10 17.35 3.71
CA ILE A 238 10.62 16.45 2.68
C ILE A 238 10.23 16.83 1.26
N THR A 239 9.32 17.78 1.09
CA THR A 239 9.03 18.31 -0.24
C THR A 239 9.93 19.49 -0.57
N THR A 240 10.63 20.04 0.42
CA THR A 240 11.65 21.06 0.24
C THR A 240 12.95 20.57 0.85
N HIS A 241 14.04 21.21 0.46
CA HIS A 241 15.33 21.02 1.14
C HIS A 241 15.28 21.80 2.44
N SER A 242 15.00 21.12 3.55
CA SER A 242 14.95 21.76 4.85
C SER A 242 16.30 21.56 5.53
N PHE A 243 16.67 22.53 6.36
CA PHE A 243 17.93 22.49 7.07
C PHE A 243 17.98 23.64 8.06
N ASN A 244 18.88 23.52 9.03
CA ASN A 244 19.09 24.54 10.04
C ASN A 244 20.35 25.34 9.72
N CYS A 245 20.20 26.67 9.70
CA CYS A 245 21.29 27.59 9.38
C CYS A 245 21.33 28.67 10.45
N GLY A 246 22.38 28.66 11.27
CA GLY A 246 22.49 29.65 12.33
C GLY A 246 21.34 29.62 13.30
N GLY A 247 20.81 28.44 13.62
CA GLY A 247 19.67 28.31 14.49
C GLY A 247 18.32 28.49 13.85
N GLU A 248 18.26 28.96 12.60
CA GLU A 248 17.00 29.20 11.91
C GLU A 248 16.73 28.09 10.91
N PHE A 249 15.46 27.70 10.81
CA PHE A 249 15.05 26.57 9.98
C PHE A 249 14.63 27.06 8.60
N PHE A 250 15.36 26.63 7.58
CA PHE A 250 15.10 26.98 6.19
C PHE A 250 14.32 25.87 5.49
N TYR A 251 13.39 26.26 4.63
CA TYR A 251 12.62 25.33 3.81
C TYR A 251 12.69 25.85 2.37
N CYS A 252 13.45 25.15 1.52
CA CYS A 252 13.82 25.64 0.20
C CYS A 252 13.22 24.78 -0.89
N ASN A 253 12.58 25.43 -1.86
CA ASN A 253 11.96 24.75 -2.98
C ASN A 253 13.04 24.22 -3.93
N THR A 254 13.01 22.91 -4.17
CA THR A 254 14.00 22.25 -5.02
C THR A 254 13.38 21.73 -6.32
N SER A 255 12.33 22.38 -6.81
CA SER A 255 11.74 21.96 -8.08
C SER A 255 12.66 22.26 -9.26
N GLY A 256 13.48 23.31 -9.15
CA GLY A 256 14.45 23.68 -10.17
C GLY A 256 15.73 22.88 -10.17
N LEU A 257 15.98 22.08 -9.13
CA LEU A 257 17.17 21.22 -9.09
C LEU A 257 16.91 19.82 -9.61
N PHE A 258 15.76 19.22 -9.28
CA PHE A 258 15.44 17.87 -9.73
C PHE A 258 14.62 17.95 -11.01
N ASN A 259 15.25 18.60 -11.99
CA ASN A 259 14.70 18.83 -13.32
C ASN A 259 15.46 18.05 -14.38
N ASP A 260 14.76 17.69 -15.47
CA ASP A 260 15.41 17.26 -16.70
C ASP A 260 15.79 18.40 -17.63
N THR A 261 15.37 19.63 -17.34
CA THR A 261 15.73 20.79 -18.16
C THR A 261 16.47 21.80 -17.30
N ILE A 262 17.64 21.43 -16.81
CA ILE A 262 18.43 22.28 -15.94
C ILE A 262 19.14 23.33 -16.79
N SER A 263 18.89 24.60 -16.49
CA SER A 263 19.52 25.72 -17.17
C SER A 263 21.00 25.78 -16.80
N ASN A 264 21.77 26.43 -17.68
CA ASN A 264 23.20 26.56 -17.42
C ASN A 264 23.52 27.74 -16.51
N ALA A 265 22.62 28.70 -16.37
CA ALA A 265 22.84 29.84 -15.51
C ALA A 265 22.60 29.48 -14.04
N THR A 266 22.87 30.45 -13.17
CA THR A 266 22.64 30.27 -11.74
C THR A 266 21.17 30.03 -11.45
N ILE A 267 20.88 29.01 -10.64
CA ILE A 267 19.51 28.65 -10.28
C ILE A 267 19.19 29.23 -8.91
N MET A 268 18.04 29.86 -8.78
CA MET A 268 17.57 30.48 -7.55
C MET A 268 16.45 29.65 -6.95
N LEU A 269 16.63 29.21 -5.70
CA LEU A 269 15.64 28.40 -5.02
C LEU A 269 14.94 29.26 -3.99
N PRO A 270 13.63 29.47 -4.10
CA PRO A 270 12.93 30.27 -3.08
C PRO A 270 12.77 29.49 -1.78
N CYS A 271 13.06 30.16 -0.68
CA CYS A 271 12.99 29.56 0.64
C CYS A 271 12.09 30.37 1.56
N ARG A 272 11.71 29.76 2.67
CA ARG A 272 10.97 30.41 3.74
C ARG A 272 11.58 29.97 5.05
N ILE A 273 11.76 30.91 5.97
CA ILE A 273 12.17 30.58 7.33
C ILE A 273 10.93 30.39 8.18
N LYS A 274 10.83 29.24 8.83
CA LYS A 274 9.65 28.87 9.60
C LYS A 274 10.00 28.72 11.08
N GLN A 275 9.01 28.96 11.93
CA GLN A 275 9.14 28.77 13.37
C GLN A 275 8.47 27.48 13.84
N ILE A 276 7.46 27.00 13.13
CA ILE A 276 6.83 25.72 13.43
C ILE A 276 7.47 24.63 12.57
N ILE A 277 8.02 23.61 13.21
CA ILE A 277 8.74 22.54 12.52
C ILE A 277 8.23 21.20 13.04
N ASN A 278 8.09 20.24 12.13
CA ASN A 278 7.83 18.86 12.52
C ASN A 278 9.13 18.20 12.92
N MET A 279 9.19 17.68 14.15
CA MET A 279 10.44 17.19 14.69
C MET A 279 10.83 15.87 14.03
N TRP A 280 12.13 15.72 13.76
CA TRP A 280 12.69 14.45 13.32
C TRP A 280 13.11 13.59 14.50
N GLN A 281 13.35 14.19 15.67
CA GLN A 281 13.77 13.44 16.83
C GLN A 281 12.66 12.53 17.33
N GLU A 282 11.40 12.89 17.08
CA GLU A 282 10.25 12.15 17.57
C GLU A 282 9.02 12.69 16.87
N VAL A 283 7.89 12.03 17.08
CA VAL A 283 6.62 12.44 16.47
C VAL A 283 6.08 13.62 17.28
N GLY A 284 6.06 14.79 16.66
CA GLY A 284 5.57 15.98 17.34
C GLY A 284 5.95 17.21 16.55
N LYS A 285 5.54 18.35 17.09
CA LYS A 285 5.81 19.65 16.49
C LYS A 285 6.59 20.50 17.50
N ALA A 286 7.54 21.27 17.00
CA ALA A 286 8.37 22.15 17.81
C ALA A 286 8.25 23.57 17.30
N ILE A 287 7.88 24.49 18.19
CA ILE A 287 7.69 25.89 17.85
C ILE A 287 8.88 26.67 18.37
N TYR A 288 9.53 27.40 17.47
CA TYR A 288 10.71 28.21 17.78
C TYR A 288 10.34 29.68 17.68
N ALA A 289 11.24 30.53 18.16
CA ALA A 289 11.01 31.96 18.14
C ALA A 289 11.17 32.50 16.73
N PRO A 290 10.67 33.70 16.47
CA PRO A 290 10.82 34.30 15.14
C PRO A 290 12.29 34.38 14.75
N PRO A 291 12.58 34.57 13.46
CA PRO A 291 13.98 34.54 13.03
C PRO A 291 14.74 35.75 13.53
N ILE A 292 16.07 35.57 13.67
CA ILE A 292 16.88 36.72 14.04
C ILE A 292 16.91 37.72 12.89
N LYS A 293 17.29 38.94 13.23
CA LYS A 293 17.42 40.01 12.25
C LYS A 293 18.80 39.97 11.59
N GLY A 294 18.90 40.62 10.44
CA GLY A 294 20.18 40.77 9.76
C GLY A 294 20.38 39.74 8.67
N ASN A 295 21.62 39.64 8.22
CA ASN A 295 21.98 38.76 7.11
C ASN A 295 22.28 37.36 7.65
N ILE A 296 21.46 36.40 7.26
CA ILE A 296 21.62 34.99 7.64
C ILE A 296 22.08 34.25 6.40
N THR A 297 23.32 33.76 6.41
CA THR A 297 23.95 33.19 5.23
C THR A 297 24.62 31.87 5.59
N CYS A 298 24.39 30.85 4.77
CA CYS A 298 25.08 29.56 4.88
C CYS A 298 25.55 29.11 3.50
N LYS A 299 26.86 29.02 3.32
CA LYS A 299 27.46 28.45 2.12
C LYS A 299 27.86 27.01 2.43
N SER A 300 27.10 26.06 1.91
CA SER A 300 27.28 24.64 2.23
C SER A 300 27.70 23.86 1.00
N ASP A 301 28.35 22.73 1.25
CA ASP A 301 28.80 21.81 0.20
C ASP A 301 27.81 20.66 0.07
N ILE A 302 27.17 20.57 -1.10
CA ILE A 302 26.32 19.42 -1.40
C ILE A 302 27.23 18.23 -1.69
N THR A 303 27.27 17.27 -0.76
CA THR A 303 28.11 16.10 -0.91
C THR A 303 27.33 14.80 -1.06
N GLY A 304 26.00 14.88 -1.18
CA GLY A 304 25.21 13.67 -1.28
C GLY A 304 23.77 13.99 -1.62
N LEU A 305 23.02 12.94 -1.91
CA LEU A 305 21.61 13.05 -2.29
C LEU A 305 20.83 11.94 -1.61
N LEU A 306 19.54 12.20 -1.39
CA LEU A 306 18.61 11.20 -0.87
C LEU A 306 17.46 11.13 -1.85
N LEU A 307 17.35 9.98 -2.55
CA LEU A 307 16.41 9.84 -3.65
C LEU A 307 15.51 8.63 -3.42
N LEU A 308 14.33 8.70 -4.04
CA LEU A 308 13.41 7.57 -4.12
C LEU A 308 13.03 7.38 -5.59
N ARG A 309 12.85 6.13 -5.98
CA ARG A 309 12.56 5.78 -7.37
C ARG A 309 11.09 5.42 -7.51
N ASP A 310 10.45 5.95 -8.54
CA ASP A 310 9.04 5.69 -8.77
C ASP A 310 8.81 4.22 -9.09
N GLY A 311 7.77 3.65 -8.47
CA GLY A 311 7.46 2.25 -8.63
C GLY A 311 6.78 1.96 -9.95
N CYS A 312 6.42 0.68 -10.13
CA CYS A 312 5.72 0.21 -11.31
C CYS A 312 6.62 0.20 -12.53
N ASP A 313 6.23 -0.58 -13.55
CA ASP A 313 6.96 -0.61 -14.81
C ASP A 313 6.61 0.61 -15.65
N THR A 314 7.60 1.08 -16.41
CA THR A 314 7.45 2.29 -17.20
C THR A 314 6.78 1.99 -18.54
N THR A 315 6.08 3.00 -19.06
CA THR A 315 5.52 2.94 -20.40
C THR A 315 6.25 3.84 -21.40
N ASP A 316 7.17 4.68 -20.93
CA ASP A 316 8.02 5.49 -21.82
C ASP A 316 9.50 5.21 -21.63
N ASN A 317 9.85 4.11 -20.96
CA ASN A 317 11.23 3.67 -20.80
C ASN A 317 12.05 4.70 -20.01
N THR A 318 11.48 5.20 -18.91
CA THR A 318 12.13 6.24 -18.12
C THR A 318 11.97 5.91 -16.65
N GLU A 319 13.09 5.76 -15.94
CA GLU A 319 13.08 5.69 -14.49
C GLU A 319 13.13 7.09 -13.91
N ILE A 320 12.26 7.35 -12.94
CA ILE A 320 12.07 8.68 -12.35
C ILE A 320 12.52 8.62 -10.90
N PHE A 321 13.40 9.54 -10.52
CA PHE A 321 13.90 9.65 -9.15
C PHE A 321 13.50 10.99 -8.55
N ARG A 322 13.07 10.96 -7.29
CA ARG A 322 12.58 12.13 -6.59
C ARG A 322 13.27 12.26 -5.24
N PRO A 323 13.48 13.48 -4.76
CA PRO A 323 14.14 13.65 -3.45
C PRO A 323 13.24 13.21 -2.32
N SER A 324 13.86 12.69 -1.27
CA SER A 324 13.11 12.23 -0.10
C SER A 324 13.94 12.40 1.16
N GLY A 325 13.70 11.55 2.16
CA GLY A 325 14.36 11.67 3.44
C GLY A 325 13.38 11.72 4.59
N GLY A 326 13.79 12.35 5.69
CA GLY A 326 12.97 12.49 6.88
C GLY A 326 13.47 11.68 8.06
N ASP A 327 14.06 10.52 7.79
CA ASP A 327 14.73 9.73 8.84
C ASP A 327 16.21 10.10 8.85
N MET A 328 16.63 10.90 9.83
CA MET A 328 18.02 11.38 9.85
C MET A 328 19.02 10.25 10.10
N ARG A 329 18.56 9.06 10.49
CA ARG A 329 19.48 7.92 10.56
C ARG A 329 20.15 7.67 9.22
N ASP A 330 19.44 7.95 8.12
CA ASP A 330 20.04 7.82 6.79
C ASP A 330 21.13 8.85 6.54
N ASN A 331 20.99 10.04 7.12
CA ASN A 331 22.08 11.02 7.03
C ASN A 331 23.35 10.49 7.68
N TRP A 332 23.22 9.90 8.87
CA TRP A 332 24.40 9.38 9.56
C TRP A 332 24.97 8.17 8.83
N ARG A 333 24.10 7.38 8.18
CA ARG A 333 24.58 6.24 7.40
C ARG A 333 25.40 6.68 6.21
N SER A 334 25.13 7.86 5.67
CA SER A 334 25.90 8.37 4.54
C SER A 334 27.35 8.66 4.90
N GLU A 335 27.69 8.61 6.20
CA GLU A 335 29.06 8.79 6.64
C GLU A 335 29.60 7.62 7.45
N LEU A 336 28.74 6.80 8.05
CA LEU A 336 29.17 5.66 8.84
C LEU A 336 29.06 4.35 8.07
N TYR A 337 28.86 4.40 6.75
CA TYR A 337 28.76 3.17 5.98
C TYR A 337 30.04 2.37 6.03
N LYS A 338 31.19 3.05 6.04
CA LYS A 338 32.48 2.37 5.98
C LYS A 338 32.99 1.90 7.33
N TYR A 339 32.22 2.07 8.41
CA TYR A 339 32.70 1.76 9.75
C TYR A 339 31.87 0.65 10.38
N LYS A 340 32.43 0.05 11.42
CA LYS A 340 31.79 -1.02 12.16
C LYS A 340 32.60 -1.29 13.43
N VAL A 341 31.91 -1.51 14.54
CA VAL A 341 32.56 -1.79 15.81
C VAL A 341 32.63 -3.30 15.98
N VAL A 342 33.84 -3.82 16.19
CA VAL A 342 34.04 -5.25 16.38
C VAL A 342 34.75 -5.52 17.69
N GLU A 343 34.48 -6.70 18.25
CA GLU A 343 35.14 -7.17 19.46
C GLU A 343 36.45 -7.87 19.10
N ILE A 344 37.45 -7.69 19.95
CA ILE A 344 38.79 -8.22 19.66
C ILE A 344 38.71 -9.73 19.51
N GLN B 1 -4.94 -8.64 15.58
CA GLN B 1 -6.06 -7.82 16.04
C GLN B 1 -6.06 -6.46 15.32
N VAL B 2 -5.14 -6.34 14.37
CA VAL B 2 -4.98 -5.14 13.55
C VAL B 2 -6.18 -5.04 12.62
N GLN B 3 -6.78 -3.85 12.54
CA GLN B 3 -7.99 -3.68 11.75
C GLN B 3 -7.85 -2.47 10.86
N LEU B 4 -8.25 -2.64 9.60
CA LEU B 4 -8.31 -1.61 8.57
C LEU B 4 -9.72 -1.50 8.01
N VAL B 5 -10.37 -0.37 8.29
CA VAL B 5 -11.76 -0.12 7.93
C VAL B 5 -11.79 1.03 6.94
N GLN B 6 -12.31 0.77 5.74
CA GLN B 6 -12.35 1.72 4.64
C GLN B 6 -13.73 2.36 4.54
N SER B 7 -13.81 3.42 3.73
CA SER B 7 -15.05 4.16 3.56
C SER B 7 -16.03 3.40 2.66
N GLY B 8 -17.27 3.93 2.61
CA GLY B 8 -18.34 3.30 1.88
C GLY B 8 -18.23 3.51 0.38
N ALA B 9 -19.06 2.79 -0.37
CA ALA B 9 -18.97 2.82 -1.82
C ALA B 9 -19.23 4.23 -2.34
N GLU B 10 -18.78 4.47 -3.56
CA GLU B 10 -18.87 5.79 -4.18
C GLU B 10 -19.24 5.66 -5.65
N VAL B 11 -20.14 6.52 -6.11
CA VAL B 11 -20.45 6.67 -7.53
C VAL B 11 -20.02 8.05 -7.98
N LYS B 12 -19.28 8.11 -9.08
CA LYS B 12 -18.68 9.35 -9.55
C LYS B 12 -18.89 9.42 -11.05
N LYS B 13 -19.13 10.61 -11.54
CA LYS B 13 -19.14 10.86 -12.98
C LYS B 13 -17.72 11.00 -13.52
N PRO B 14 -17.51 10.69 -14.80
CA PRO B 14 -16.16 10.84 -15.37
C PRO B 14 -15.68 12.28 -15.27
N GLY B 15 -14.35 12.42 -15.22
CA GLY B 15 -13.71 13.70 -15.05
C GLY B 15 -13.74 14.22 -13.63
N ALA B 16 -14.46 13.56 -12.73
CA ALA B 16 -14.57 13.95 -11.33
C ALA B 16 -13.41 13.33 -10.54
N SER B 17 -13.53 13.28 -9.22
CA SER B 17 -12.52 12.68 -8.37
C SER B 17 -13.19 11.98 -7.19
N VAL B 18 -12.45 11.06 -6.58
CA VAL B 18 -12.93 10.31 -5.42
C VAL B 18 -11.78 10.16 -4.44
N LYS B 19 -12.08 10.32 -3.15
CA LYS B 19 -11.13 10.08 -2.07
C LYS B 19 -11.63 8.93 -1.19
N VAL B 20 -10.87 7.83 -1.17
CA VAL B 20 -11.18 6.68 -0.33
C VAL B 20 -10.31 6.73 0.92
N SER B 21 -10.92 6.51 2.07
CA SER B 21 -10.23 6.53 3.35
C SER B 21 -10.01 5.12 3.89
N CYS B 22 -9.02 4.99 4.77
CA CYS B 22 -8.65 3.69 5.34
C CYS B 22 -8.18 3.93 6.77
N LYS B 23 -9.04 3.64 7.73
CA LYS B 23 -8.74 3.86 9.14
C LYS B 23 -8.06 2.63 9.74
N ALA B 24 -6.90 2.86 10.35
CA ALA B 24 -6.11 1.79 10.95
C ALA B 24 -6.31 1.81 12.47
N SER B 25 -6.16 0.64 13.08
CA SER B 25 -6.28 0.51 14.53
C SER B 25 -5.59 -0.76 14.97
N GLY B 26 -5.25 -0.81 16.27
CA GLY B 26 -4.59 -1.95 16.83
C GLY B 26 -3.08 -1.95 16.76
N TYR B 27 -2.47 -0.88 16.26
CA TYR B 27 -1.02 -0.82 16.15
C TYR B 27 -0.60 0.64 16.03
N THR B 28 0.70 0.86 16.05
CA THR B 28 1.25 2.21 15.91
C THR B 28 1.15 2.63 14.46
N PHE B 29 0.25 3.58 14.18
CA PHE B 29 -0.08 3.94 12.81
C PHE B 29 1.12 4.46 12.04
N THR B 30 2.02 5.16 12.72
CA THR B 30 3.15 5.80 12.07
C THR B 30 4.36 4.89 11.91
N GLY B 31 4.27 3.63 12.34
CA GLY B 31 5.38 2.71 12.26
C GLY B 31 5.41 1.78 11.07
N TYR B 32 4.38 1.79 10.23
CA TYR B 32 4.29 0.87 9.11
C TYR B 32 3.80 1.58 7.85
N TYR B 33 4.43 1.27 6.71
CA TYR B 33 3.96 1.80 5.45
C TYR B 33 2.58 1.23 5.16
N ILE B 34 1.83 1.92 4.31
CA ILE B 34 0.49 1.49 3.91
C ILE B 34 0.37 1.66 2.40
N HIS B 35 -0.15 0.63 1.74
CA HIS B 35 -0.22 0.56 0.29
C HIS B 35 -1.67 0.60 -0.17
N TRP B 36 -1.87 1.06 -1.40
CA TRP B 36 -3.18 1.05 -2.06
C TRP B 36 -3.08 0.27 -3.35
N VAL B 37 -3.97 -0.71 -3.49
CA VAL B 37 -4.06 -1.60 -4.65
C VAL B 37 -5.51 -1.68 -5.10
N ARG B 38 -5.76 -1.49 -6.38
CA ARG B 38 -7.10 -1.55 -6.93
C ARG B 38 -7.24 -2.79 -7.79
N GLN B 39 -8.49 -3.20 -8.00
CA GLN B 39 -8.79 -4.44 -8.72
C GLN B 39 -10.06 -4.22 -9.52
N ALA B 40 -9.92 -4.08 -10.83
CA ALA B 40 -11.07 -3.98 -11.71
C ALA B 40 -11.92 -5.26 -11.63
N PRO B 41 -13.23 -5.14 -11.76
CA PRO B 41 -14.11 -6.33 -11.65
C PRO B 41 -13.79 -7.38 -12.70
N GLY B 42 -13.45 -8.58 -12.24
CA GLY B 42 -13.08 -9.68 -13.12
C GLY B 42 -11.65 -9.74 -13.55
N GLN B 43 -10.78 -8.89 -13.01
CA GLN B 43 -9.38 -8.84 -13.43
C GLN B 43 -8.47 -9.04 -12.21
N GLY B 44 -7.18 -8.77 -12.41
CA GLY B 44 -6.19 -9.02 -11.38
C GLY B 44 -5.95 -7.81 -10.50
N LEU B 45 -5.04 -7.98 -9.56
CA LEU B 45 -4.68 -6.90 -8.65
C LEU B 45 -3.68 -5.96 -9.31
N GLU B 46 -3.86 -4.66 -9.06
CA GLU B 46 -3.03 -3.62 -9.65
C GLU B 46 -2.58 -2.66 -8.55
N TRP B 47 -1.28 -2.62 -8.32
CA TRP B 47 -0.69 -1.75 -7.31
C TRP B 47 -0.65 -0.31 -7.79
N MET B 48 -1.00 0.62 -6.91
CA MET B 48 -1.06 2.04 -7.22
C MET B 48 0.01 2.88 -6.54
N GLY B 49 0.32 2.61 -5.28
CA GLY B 49 1.34 3.37 -4.58
C GLY B 49 1.32 3.07 -3.11
N TRP B 50 2.36 3.56 -2.42
CA TRP B 50 2.43 3.49 -0.97
C TRP B 50 2.67 4.88 -0.40
N ILE B 51 2.36 5.03 0.89
CA ILE B 51 2.59 6.26 1.64
C ILE B 51 3.23 5.90 2.97
N ASN B 52 4.22 6.68 3.38
CA ASN B 52 4.83 6.55 4.70
C ASN B 52 4.11 7.39 5.74
N PRO B 53 3.29 6.78 6.62
CA PRO B 53 2.48 7.60 7.54
C PRO B 53 3.31 8.34 8.56
N ASN B 54 4.57 7.97 8.77
CA ASN B 54 5.42 8.70 9.70
C ASN B 54 5.66 10.12 9.23
N ARG B 55 6.31 10.28 8.07
CA ARG B 55 6.69 11.59 7.55
C ARG B 55 5.76 12.08 6.43
N GLY B 56 5.02 11.18 5.78
CA GLY B 56 4.14 11.54 4.69
C GLY B 56 4.70 11.27 3.31
N GLY B 57 5.88 10.67 3.22
CA GLY B 57 6.46 10.37 1.91
C GLY B 57 5.57 9.43 1.12
N THR B 58 5.54 9.63 -0.19
CA THR B 58 4.68 8.84 -1.07
C THR B 58 5.47 8.36 -2.27
N ASN B 59 5.00 7.26 -2.85
CA ASN B 59 5.50 6.74 -4.12
C ASN B 59 4.31 6.28 -4.94
N TYR B 60 4.13 6.88 -6.12
CA TYR B 60 2.96 6.61 -6.93
C TYR B 60 3.36 5.70 -8.09
N CYS B 61 2.47 4.78 -8.45
CA CYS B 61 2.66 4.04 -9.69
C CYS B 61 2.77 5.01 -10.86
N GLN B 62 3.75 4.77 -11.74
CA GLN B 62 3.97 5.69 -12.84
C GLN B 62 2.76 5.77 -13.76
N LYS B 63 1.95 4.71 -13.81
CA LYS B 63 0.76 4.72 -14.65
C LYS B 63 -0.25 5.76 -14.17
N PHE B 64 -0.31 6.01 -12.87
CA PHE B 64 -1.29 6.95 -12.31
C PHE B 64 -0.66 8.27 -11.89
N GLN B 65 0.62 8.47 -12.16
CA GLN B 65 1.29 9.71 -11.80
C GLN B 65 0.63 10.89 -12.50
N GLY B 66 0.25 11.89 -11.71
CA GLY B 66 -0.37 13.10 -12.21
C GLY B 66 -1.82 13.25 -11.79
N ARG B 67 -2.52 12.13 -11.57
CA ARG B 67 -3.92 12.13 -11.19
C ARG B 67 -4.20 11.28 -9.96
N VAL B 68 -3.16 10.80 -9.28
CA VAL B 68 -3.29 10.15 -7.98
C VAL B 68 -2.61 11.01 -6.93
N THR B 69 -3.20 11.07 -5.74
CA THR B 69 -2.66 11.81 -4.60
C THR B 69 -2.91 10.99 -3.34
N MET B 70 -1.86 10.78 -2.55
CA MET B 70 -1.94 10.03 -1.31
C MET B 70 -1.67 10.96 -0.13
N THR B 71 -2.52 10.88 0.90
CA THR B 71 -2.35 11.71 2.08
C THR B 71 -2.62 10.86 3.33
N ARG B 72 -2.35 11.45 4.48
CA ARG B 72 -2.58 10.80 5.77
C ARG B 72 -3.07 11.84 6.78
N ASP B 73 -3.68 11.34 7.85
CA ASP B 73 -4.11 12.17 8.98
C ASP B 73 -3.68 11.46 10.26
N THR B 74 -2.50 11.83 10.78
CA THR B 74 -1.92 11.11 11.91
C THR B 74 -2.79 11.21 13.14
N SER B 75 -3.49 12.33 13.33
CA SER B 75 -4.29 12.50 14.54
C SER B 75 -5.43 11.50 14.64
N ILE B 76 -5.87 10.93 13.52
CA ILE B 76 -6.92 9.92 13.50
C ILE B 76 -6.46 8.62 12.88
N SER B 77 -5.17 8.48 12.59
CA SER B 77 -4.59 7.26 12.03
C SER B 77 -5.32 6.80 10.78
N THR B 78 -5.51 7.73 9.84
CA THR B 78 -6.28 7.49 8.63
C THR B 78 -5.46 7.90 7.41
N ALA B 79 -5.41 7.05 6.40
CA ALA B 79 -4.76 7.34 5.14
C ALA B 79 -5.80 7.54 4.04
N TYR B 80 -5.53 8.47 3.13
CA TYR B 80 -6.45 8.84 2.06
C TYR B 80 -5.80 8.64 0.70
N MET B 81 -6.55 8.03 -0.22
CA MET B 81 -6.17 7.89 -1.62
C MET B 81 -7.19 8.63 -2.46
N GLU B 82 -6.74 9.65 -3.20
CA GLU B 82 -7.59 10.45 -4.07
C GLU B 82 -7.18 10.27 -5.53
N LEU B 83 -8.13 9.84 -6.36
CA LEU B 83 -7.94 9.69 -7.79
C LEU B 83 -8.84 10.66 -8.53
N SER B 84 -8.26 11.46 -9.42
CA SER B 84 -8.94 12.53 -10.13
C SER B 84 -8.99 12.20 -11.62
N ARG B 85 -9.76 12.99 -12.37
CA ARG B 85 -9.91 12.76 -13.81
C ARG B 85 -10.33 11.32 -14.07
N LEU B 86 -11.43 10.93 -13.43
CA LEU B 86 -11.87 9.55 -13.37
C LEU B 86 -12.24 9.06 -14.77
N ARG B 87 -12.35 7.74 -14.89
CA ARG B 87 -12.68 7.12 -16.15
C ARG B 87 -13.43 5.82 -15.89
N SER B 88 -14.06 5.30 -16.95
CA SER B 88 -14.78 4.05 -16.75
C SER B 88 -13.84 2.92 -16.40
N ASP B 89 -12.57 3.07 -16.78
CA ASP B 89 -11.53 2.13 -16.38
C ASP B 89 -11.34 2.11 -14.87
N ASP B 90 -11.47 3.27 -14.23
CA ASP B 90 -11.22 3.35 -12.79
C ASP B 90 -12.30 2.67 -11.96
N THR B 91 -13.32 2.11 -12.58
CA THR B 91 -14.32 1.35 -11.84
C THR B 91 -13.65 0.11 -11.28
N ALA B 92 -13.50 0.04 -9.96
CA ALA B 92 -12.75 -1.05 -9.34
C ALA B 92 -12.99 -1.02 -7.85
N VAL B 93 -12.58 -2.11 -7.19
CA VAL B 93 -12.54 -2.17 -5.74
C VAL B 93 -11.14 -1.79 -5.27
N TYR B 94 -11.06 -0.72 -4.50
CA TYR B 94 -9.80 -0.15 -4.03
C TYR B 94 -9.51 -0.64 -2.62
N TYR B 95 -8.33 -1.25 -2.44
CA TYR B 95 -7.94 -1.81 -1.14
C TYR B 95 -6.78 -1.02 -0.56
N CYS B 96 -6.77 -0.88 0.76
CA CYS B 96 -5.57 -0.53 1.51
C CYS B 96 -4.99 -1.79 2.16
N ALA B 97 -3.66 -1.84 2.23
CA ALA B 97 -2.97 -3.01 2.77
C ALA B 97 -1.73 -2.56 3.53
N ARG B 98 -1.32 -3.38 4.50
CA ARG B 98 -0.15 -3.11 5.32
C ARG B 98 0.71 -4.36 5.41
N GLY B 99 2.02 -4.15 5.32
CA GLY B 99 2.98 -5.23 5.39
C GLY B 99 3.02 -5.98 6.71
N ILE B 100 3.89 -6.99 6.79
CA ILE B 100 4.10 -7.70 8.05
C ILE B 100 4.96 -6.87 9.00
N ASN B 101 5.96 -6.17 8.47
CA ASN B 101 6.86 -5.36 9.26
C ASN B 101 7.21 -4.11 8.46
N SER B 102 8.04 -3.25 9.05
CA SER B 102 8.42 -2.01 8.39
C SER B 102 9.52 -2.24 7.35
N ASP B 103 10.45 -3.15 7.63
CA ASP B 103 11.57 -3.37 6.71
C ASP B 103 11.08 -3.97 5.40
N TYR B 104 10.22 -4.98 5.47
CA TYR B 104 9.65 -5.64 4.31
C TYR B 104 8.13 -5.50 4.39
N THR B 105 7.60 -4.48 3.72
CA THR B 105 6.19 -4.13 3.82
C THR B 105 5.37 -4.60 2.63
N TRP B 106 5.99 -5.28 1.67
CA TRP B 106 5.28 -5.76 0.49
C TRP B 106 4.52 -7.06 0.73
N ASP B 107 4.65 -7.66 1.91
CA ASP B 107 3.89 -8.85 2.27
C ASP B 107 2.62 -8.43 3.00
N PHE B 108 1.57 -8.19 2.22
CA PHE B 108 0.34 -7.59 2.73
C PHE B 108 -0.42 -8.58 3.61
N GLN B 109 -0.12 -8.60 4.92
CA GLN B 109 -0.82 -9.48 5.84
C GLN B 109 -2.20 -8.96 6.24
N HIS B 110 -2.44 -7.65 6.14
CA HIS B 110 -3.67 -7.05 6.60
C HIS B 110 -4.28 -6.24 5.46
N TRP B 111 -5.57 -6.45 5.21
CA TRP B 111 -6.29 -5.74 4.18
C TRP B 111 -7.56 -5.14 4.76
N GLY B 112 -8.04 -4.09 4.10
CA GLY B 112 -9.36 -3.57 4.38
C GLY B 112 -10.43 -4.43 3.74
N GLN B 113 -11.68 -4.03 3.96
CA GLN B 113 -12.80 -4.70 3.32
C GLN B 113 -12.98 -4.28 1.87
N GLY B 114 -12.20 -3.31 1.41
CA GLY B 114 -12.32 -2.81 0.05
C GLY B 114 -13.40 -1.75 -0.07
N THR B 115 -13.14 -0.78 -0.95
CA THR B 115 -14.09 0.29 -1.25
C THR B 115 -14.36 0.26 -2.75
N LEU B 116 -15.58 -0.13 -3.12
CA LEU B 116 -15.97 -0.16 -4.51
C LEU B 116 -16.21 1.27 -5.01
N VAL B 117 -15.65 1.58 -6.17
CA VAL B 117 -15.81 2.89 -6.80
C VAL B 117 -16.34 2.63 -8.20
N THR B 118 -17.60 2.98 -8.41
CA THR B 118 -18.30 2.86 -9.68
C THR B 118 -18.29 4.21 -10.38
N VAL B 119 -17.92 4.22 -11.65
CA VAL B 119 -17.84 5.46 -12.43
C VAL B 119 -18.84 5.27 -13.56
N SER B 120 -19.88 6.12 -13.57
CA SER B 120 -20.91 6.16 -14.58
C SER B 120 -21.74 7.42 -14.37
N SER B 121 -22.39 7.90 -15.44
CA SER B 121 -23.21 9.10 -15.32
C SER B 121 -24.51 8.88 -14.57
N ALA B 122 -24.92 7.64 -14.33
CA ALA B 122 -26.16 7.33 -13.63
C ALA B 122 -26.07 7.82 -12.18
N SER B 123 -27.22 8.10 -11.57
CA SER B 123 -27.22 8.56 -10.18
C SER B 123 -27.68 7.47 -9.22
N THR B 124 -27.46 7.77 -7.94
CA THR B 124 -27.82 6.88 -6.82
C THR B 124 -29.32 6.65 -6.66
N LYS B 125 -29.68 5.39 -6.40
CA LYS B 125 -31.07 5.01 -6.20
C LYS B 125 -31.11 3.79 -5.30
N GLY B 126 -31.98 3.85 -4.27
CA GLY B 126 -32.21 2.75 -3.37
C GLY B 126 -33.00 1.60 -3.96
N PRO B 127 -32.86 0.42 -3.37
CA PRO B 127 -33.54 -0.76 -3.89
C PRO B 127 -35.00 -0.82 -3.44
N SER B 128 -35.70 -1.84 -3.93
CA SER B 128 -37.05 -2.15 -3.48
C SER B 128 -37.12 -3.66 -3.29
N VAL B 129 -37.39 -4.11 -2.07
CA VAL B 129 -37.32 -5.52 -1.72
C VAL B 129 -38.70 -6.12 -1.81
N PHE B 130 -38.82 -7.26 -2.49
CA PHE B 130 -40.07 -7.98 -2.61
C PHE B 130 -39.91 -9.41 -2.11
N PRO B 131 -40.88 -9.96 -1.39
CA PRO B 131 -40.69 -11.32 -0.85
C PRO B 131 -40.98 -12.39 -1.89
N LEU B 132 -40.22 -13.48 -1.81
CA LEU B 132 -40.44 -14.71 -2.58
C LEU B 132 -40.99 -15.79 -1.65
N ALA B 133 -42.32 -15.86 -1.54
CA ALA B 133 -42.96 -16.77 -0.59
C ALA B 133 -42.91 -18.21 -1.11
N PRO B 134 -42.73 -19.18 -0.24
CA PRO B 134 -42.76 -20.59 -0.67
C PRO B 134 -44.15 -21.20 -0.69
N SER B 135 -44.28 -22.24 -1.52
CA SER B 135 -45.52 -22.99 -1.64
C SER B 135 -45.24 -24.43 -2.04
N GLY B 141 -44.80 -31.07 2.94
CA GLY B 141 -43.66 -31.52 3.72
C GLY B 141 -42.34 -31.30 3.00
N GLY B 142 -41.29 -31.97 3.50
CA GLY B 142 -39.98 -31.82 2.90
C GLY B 142 -39.35 -30.48 3.24
N THR B 143 -38.46 -30.03 2.36
CA THR B 143 -37.75 -28.76 2.53
C THR B 143 -38.10 -27.83 1.38
N ALA B 144 -38.58 -26.63 1.74
CA ALA B 144 -38.94 -25.61 0.76
C ALA B 144 -37.84 -24.54 0.70
N ALA B 145 -38.07 -23.53 -0.14
CA ALA B 145 -37.12 -22.45 -0.36
C ALA B 145 -37.85 -21.12 -0.40
N LEU B 146 -37.26 -20.09 0.19
CA LEU B 146 -37.85 -18.75 0.16
C LEU B 146 -36.74 -17.72 0.15
N GLY B 147 -37.08 -16.54 -0.37
CA GLY B 147 -36.12 -15.47 -0.47
C GLY B 147 -36.78 -14.13 -0.70
N CYS B 148 -36.01 -13.19 -1.22
CA CYS B 148 -36.45 -11.84 -1.54
C CYS B 148 -35.85 -11.41 -2.85
N LEU B 149 -36.26 -10.21 -3.33
CA LEU B 149 -35.86 -9.70 -4.65
C LEU B 149 -35.47 -8.22 -4.54
N VAL B 150 -34.22 -7.97 -4.16
CA VAL B 150 -33.68 -6.62 -4.11
C VAL B 150 -33.54 -6.07 -5.53
N LYS B 151 -34.52 -5.28 -5.96
CA LYS B 151 -34.68 -4.87 -7.35
C LYS B 151 -34.51 -3.36 -7.52
N ASP B 152 -33.95 -2.99 -8.66
CA ASP B 152 -33.80 -1.59 -9.08
C ASP B 152 -33.04 -0.79 -8.03
N TYR B 153 -31.72 -0.92 -8.04
CA TYR B 153 -30.83 -0.16 -7.17
C TYR B 153 -29.56 0.20 -7.93
N PHE B 154 -28.81 1.14 -7.36
CA PHE B 154 -27.55 1.58 -7.95
C PHE B 154 -26.80 2.40 -6.92
N PRO B 155 -25.48 2.22 -6.76
CA PRO B 155 -24.62 1.30 -7.52
C PRO B 155 -24.68 -0.14 -7.00
N GLU B 156 -23.57 -0.87 -7.13
CA GLU B 156 -23.61 -2.32 -6.97
C GLU B 156 -23.79 -2.73 -5.52
N PRO B 157 -22.98 -2.25 -4.57
CA PRO B 157 -22.93 -2.90 -3.25
C PRO B 157 -24.28 -2.85 -2.54
N VAL B 158 -24.79 -4.03 -2.23
CA VAL B 158 -25.99 -4.20 -1.42
C VAL B 158 -25.78 -5.45 -0.58
N THR B 159 -25.83 -5.30 0.74
CA THR B 159 -25.62 -6.44 1.62
C THR B 159 -26.95 -6.90 2.19
N VAL B 160 -27.12 -8.20 2.27
CA VAL B 160 -28.36 -8.84 2.69
C VAL B 160 -28.01 -9.86 3.77
N SER B 161 -28.75 -9.83 4.87
CA SER B 161 -28.69 -10.87 5.88
C SER B 161 -30.10 -11.34 6.19
N TRP B 162 -30.18 -12.46 6.89
CA TRP B 162 -31.45 -13.10 7.20
C TRP B 162 -31.56 -13.21 8.72
N ASN B 163 -32.65 -12.66 9.26
CA ASN B 163 -32.89 -12.67 10.70
C ASN B 163 -31.70 -12.04 11.42
N SER B 164 -31.29 -10.86 10.97
CA SER B 164 -30.20 -10.12 11.59
C SER B 164 -28.92 -10.94 11.61
N GLY B 165 -28.64 -11.63 10.51
CA GLY B 165 -27.42 -12.43 10.44
C GLY B 165 -27.52 -13.76 11.14
N ALA B 166 -28.67 -14.09 11.72
CA ALA B 166 -28.85 -15.37 12.40
C ALA B 166 -28.84 -16.53 11.40
N LEU B 167 -29.66 -16.45 10.36
CA LEU B 167 -29.73 -17.51 9.35
C LEU B 167 -28.60 -17.30 8.35
N THR B 168 -27.65 -18.24 8.31
CA THR B 168 -26.50 -18.14 7.44
C THR B 168 -26.24 -19.41 6.63
N SER B 169 -26.48 -20.58 7.21
CA SER B 169 -26.27 -21.83 6.47
C SER B 169 -27.41 -22.03 5.47
N GLY B 170 -27.06 -22.48 4.27
CA GLY B 170 -28.01 -22.63 3.20
C GLY B 170 -28.41 -21.34 2.50
N VAL B 171 -27.83 -20.21 2.88
CA VAL B 171 -28.16 -18.93 2.27
C VAL B 171 -27.33 -18.74 1.00
N HIS B 172 -27.98 -18.31 -0.08
CA HIS B 172 -27.32 -18.02 -1.34
C HIS B 172 -27.80 -16.66 -1.86
N THR B 173 -26.93 -15.66 -1.79
CA THR B 173 -27.19 -14.34 -2.34
C THR B 173 -26.52 -14.22 -3.70
N PHE B 174 -27.32 -14.06 -4.76
CA PHE B 174 -26.80 -14.10 -6.12
C PHE B 174 -26.18 -12.77 -6.54
N PRO B 175 -25.21 -12.81 -7.46
CA PRO B 175 -24.63 -11.56 -7.98
C PRO B 175 -25.68 -10.70 -8.66
N ALA B 176 -25.45 -9.39 -8.61
CA ALA B 176 -26.37 -8.46 -9.26
C ALA B 176 -26.30 -8.61 -10.77
N VAL B 177 -27.43 -8.33 -11.42
CA VAL B 177 -27.52 -8.27 -12.87
C VAL B 177 -27.99 -6.87 -13.27
N LEU B 178 -27.38 -6.32 -14.32
CA LEU B 178 -27.74 -4.99 -14.78
C LEU B 178 -28.93 -5.11 -15.72
N GLN B 179 -30.03 -4.46 -15.36
CA GLN B 179 -31.25 -4.50 -16.14
C GLN B 179 -31.15 -3.54 -17.33
N SER B 180 -32.09 -3.70 -18.27
CA SER B 180 -32.15 -2.80 -19.41
C SER B 180 -32.36 -1.36 -19.00
N SER B 181 -32.91 -1.11 -17.81
CA SER B 181 -33.14 0.24 -17.33
C SER B 181 -31.89 0.86 -16.69
N GLY B 182 -30.76 0.16 -16.74
CA GLY B 182 -29.55 0.66 -16.10
C GLY B 182 -29.54 0.53 -14.59
N LEU B 183 -30.35 -0.37 -14.05
CA LEU B 183 -30.44 -0.61 -12.61
C LEU B 183 -30.15 -2.07 -12.32
N TYR B 184 -29.52 -2.31 -11.17
CA TYR B 184 -29.17 -3.66 -10.78
C TYR B 184 -30.33 -4.32 -10.04
N SER B 185 -30.28 -5.66 -9.98
CA SER B 185 -31.33 -6.44 -9.35
C SER B 185 -30.73 -7.80 -8.97
N LEU B 186 -30.91 -8.18 -7.70
CA LEU B 186 -30.45 -9.47 -7.23
C LEU B 186 -31.52 -10.11 -6.36
N SER B 187 -31.31 -11.38 -6.04
CA SER B 187 -32.19 -12.15 -5.18
C SER B 187 -31.36 -12.87 -4.14
N SER B 188 -31.94 -13.07 -2.96
CA SER B 188 -31.30 -13.78 -1.86
C SER B 188 -32.29 -14.79 -1.29
N VAL B 189 -31.92 -16.07 -1.36
CA VAL B 189 -32.82 -17.15 -0.99
C VAL B 189 -32.17 -18.01 0.09
N VAL B 190 -33.03 -18.69 0.85
CA VAL B 190 -32.62 -19.60 1.91
C VAL B 190 -33.41 -20.89 1.76
N THR B 191 -32.77 -22.02 2.04
CA THR B 191 -33.47 -23.31 2.10
C THR B 191 -33.88 -23.58 3.55
N VAL B 192 -35.18 -23.71 3.77
CA VAL B 192 -35.75 -23.90 5.10
C VAL B 192 -36.78 -25.03 5.02
N PRO B 193 -36.93 -25.86 6.05
CA PRO B 193 -37.94 -26.92 5.99
C PRO B 193 -39.35 -26.37 6.04
N SER B 194 -40.29 -27.12 5.44
CA SER B 194 -41.68 -26.70 5.50
C SER B 194 -42.30 -26.89 6.88
N SER B 195 -41.65 -27.64 7.76
CA SER B 195 -42.05 -27.83 9.15
C SER B 195 -41.76 -26.62 10.02
N SER B 196 -41.41 -25.48 9.42
CA SER B 196 -41.12 -24.26 10.17
C SER B 196 -41.67 -23.02 9.49
N LEU B 197 -42.38 -23.16 8.37
CA LEU B 197 -42.97 -22.05 7.64
C LEU B 197 -44.19 -21.47 8.34
N GLY B 198 -44.53 -21.94 9.53
CA GLY B 198 -45.63 -21.38 10.30
C GLY B 198 -45.23 -21.00 11.71
N THR B 199 -44.09 -21.53 12.17
CA THR B 199 -43.57 -21.20 13.49
C THR B 199 -42.41 -20.20 13.43
N GLN B 200 -41.38 -20.51 12.64
CA GLN B 200 -40.23 -19.62 12.51
C GLN B 200 -40.54 -18.47 11.56
N THR B 201 -40.17 -17.26 11.94
CA THR B 201 -40.34 -16.09 11.10
C THR B 201 -39.03 -15.74 10.39
N TYR B 202 -39.16 -15.13 9.23
CA TYR B 202 -38.03 -14.92 8.32
C TYR B 202 -38.12 -13.52 7.74
N ILE B 203 -37.08 -12.71 7.93
CA ILE B 203 -37.08 -11.33 7.49
C ILE B 203 -35.82 -11.06 6.69
N CYS B 204 -35.93 -10.28 5.62
CA CYS B 204 -34.79 -9.88 4.82
C CYS B 204 -34.21 -8.59 5.36
N ASN B 205 -32.92 -8.59 5.64
CA ASN B 205 -32.20 -7.41 6.16
C ASN B 205 -31.32 -6.84 5.05
N VAL B 206 -31.87 -5.91 4.27
CA VAL B 206 -31.19 -5.34 3.11
C VAL B 206 -30.60 -3.97 3.46
N ASN B 207 -29.37 -3.73 2.99
CA ASN B 207 -28.60 -2.53 3.29
C ASN B 207 -27.99 -2.01 2.00
N HIS B 208 -28.28 -0.75 1.67
CA HIS B 208 -27.71 -0.04 0.52
C HIS B 208 -27.00 1.21 1.02
N LYS B 209 -25.72 1.04 1.37
CA LYS B 209 -24.95 2.13 1.95
C LYS B 209 -24.91 3.40 1.10
N PRO B 210 -24.78 3.32 -0.23
CA PRO B 210 -24.73 4.56 -1.02
C PRO B 210 -25.93 5.47 -0.80
N SER B 211 -27.11 4.93 -0.48
CA SER B 211 -28.29 5.76 -0.24
C SER B 211 -28.78 5.68 1.20
N ASN B 212 -28.01 5.07 2.10
CA ASN B 212 -28.36 4.93 3.51
C ASN B 212 -29.75 4.34 3.71
N THR B 213 -30.12 3.38 2.86
CA THR B 213 -31.40 2.69 2.96
C THR B 213 -31.23 1.39 3.74
N LYS B 214 -32.04 1.20 4.77
CA LYS B 214 -32.05 -0.02 5.56
C LYS B 214 -33.50 -0.48 5.69
N VAL B 215 -33.78 -1.69 5.21
CA VAL B 215 -35.14 -2.20 5.09
C VAL B 215 -35.21 -3.60 5.68
N ASP B 216 -36.30 -3.88 6.40
CA ASP B 216 -36.63 -5.22 6.87
C ASP B 216 -37.95 -5.64 6.26
N LYS B 217 -37.93 -6.74 5.51
CA LYS B 217 -39.09 -7.24 4.79
C LYS B 217 -39.44 -8.66 5.22
N ARG B 218 -40.73 -8.87 5.50
CA ARG B 218 -41.24 -10.16 5.98
C ARG B 218 -41.53 -11.07 4.80
N VAL B 219 -41.23 -12.36 4.97
CA VAL B 219 -41.46 -13.37 3.93
C VAL B 219 -42.27 -14.49 4.59
N GLU B 220 -43.53 -14.63 4.19
CA GLU B 220 -44.43 -15.63 4.71
C GLU B 220 -45.32 -16.12 3.58
N PRO B 221 -45.81 -17.38 3.66
CA PRO B 221 -46.69 -17.92 2.63
C PRO B 221 -48.04 -17.22 2.55
N MET C 4 3.58 -10.58 -13.90
CA MET C 4 4.44 -11.71 -14.19
C MET C 4 3.66 -12.79 -14.94
N SER C 5 4.27 -13.97 -15.09
CA SER C 5 3.68 -15.08 -15.84
C SER C 5 3.37 -16.22 -14.88
N GLN C 6 2.09 -16.33 -14.50
CA GLN C 6 1.59 -17.41 -13.67
C GLN C 6 0.92 -18.46 -14.56
N SER C 7 1.06 -19.73 -14.17
CA SER C 7 0.50 -20.82 -14.93
C SER C 7 0.16 -21.97 -13.99
N PRO C 8 -0.92 -22.72 -14.26
CA PRO C 8 -1.87 -22.50 -15.37
C PRO C 8 -2.85 -21.38 -15.06
N SER C 9 -3.39 -20.75 -16.11
CA SER C 9 -4.39 -19.70 -15.89
C SER C 9 -5.65 -20.26 -15.26
N SER C 10 -5.95 -21.53 -15.52
CA SER C 10 -7.11 -22.18 -14.93
C SER C 10 -6.74 -23.63 -14.61
N LEU C 11 -7.05 -24.06 -13.39
CA LEU C 11 -6.76 -25.41 -12.94
C LEU C 11 -8.04 -26.06 -12.43
N ALA C 12 -8.18 -27.36 -12.68
CA ALA C 12 -9.35 -28.12 -12.27
C ALA C 12 -8.90 -29.45 -11.70
N VAL C 13 -9.27 -29.72 -10.45
CA VAL C 13 -8.92 -30.96 -9.79
C VAL C 13 -10.06 -31.39 -8.87
N SER C 14 -9.82 -32.41 -8.06
CA SER C 14 -10.80 -32.92 -7.11
C SER C 14 -10.20 -32.92 -5.71
N VAL C 15 -11.07 -33.10 -4.71
CA VAL C 15 -10.61 -33.17 -3.33
C VAL C 15 -9.64 -34.33 -3.17
N GLY C 16 -8.58 -34.11 -2.40
CA GLY C 16 -7.62 -35.15 -2.15
C GLY C 16 -6.57 -35.31 -3.23
N GLU C 17 -6.12 -34.20 -3.83
CA GLU C 17 -5.08 -34.21 -4.83
C GLU C 17 -4.08 -33.10 -4.51
N LYS C 18 -2.97 -33.09 -5.22
CA LYS C 18 -1.95 -32.06 -5.06
C LYS C 18 -1.93 -31.19 -6.31
N VAL C 19 -1.97 -29.87 -6.11
CA VAL C 19 -1.88 -28.91 -7.20
C VAL C 19 -0.50 -28.27 -7.15
N THR C 20 -0.04 -27.79 -8.31
CA THR C 20 1.30 -27.22 -8.44
C THR C 20 1.22 -26.07 -9.43
N MET C 21 1.09 -24.85 -8.92
CA MET C 21 1.01 -23.65 -9.73
C MET C 21 2.36 -22.95 -9.73
N SER C 22 2.78 -22.49 -10.91
CA SER C 22 4.09 -21.89 -11.10
C SER C 22 3.96 -20.38 -11.29
N CYS C 23 5.03 -19.67 -10.96
CA CYS C 23 5.10 -18.21 -11.10
C CYS C 23 6.51 -17.86 -11.53
N LYS C 24 6.67 -17.44 -12.78
CA LYS C 24 7.99 -17.17 -13.36
C LYS C 24 8.25 -15.67 -13.37
N SER C 25 9.53 -15.31 -13.28
CA SER C 25 9.95 -13.92 -13.16
C SER C 25 10.96 -13.59 -14.26
N SER C 26 11.40 -12.33 -14.27
CA SER C 26 12.41 -11.83 -15.20
C SER C 26 13.52 -11.19 -14.40
N GLN C 27 14.74 -11.72 -14.53
CA GLN C 27 15.90 -11.20 -13.81
C GLN C 27 15.63 -11.08 -12.32
N GLN C 35 20.33 -12.31 -6.26
CA GLN C 35 20.75 -12.42 -4.87
C GLN C 35 19.63 -11.98 -3.93
N LYS C 36 18.39 -12.29 -4.30
CA LYS C 36 17.26 -11.94 -3.44
C LYS C 36 16.09 -12.87 -3.78
N ASN C 37 15.99 -13.97 -3.06
CA ASN C 37 14.85 -14.88 -3.17
C ASN C 37 13.73 -14.32 -2.31
N TYR C 38 12.92 -13.45 -2.90
CA TYR C 38 11.84 -12.76 -2.22
C TYR C 38 10.56 -12.90 -3.02
N LEU C 39 9.46 -13.23 -2.35
CA LEU C 39 8.18 -13.41 -3.04
C LEU C 39 7.07 -13.68 -2.02
N ALA C 40 5.84 -13.33 -2.41
CA ALA C 40 4.66 -13.58 -1.59
C ALA C 40 3.59 -14.26 -2.43
N TRP C 41 2.72 -15.01 -1.75
CA TRP C 41 1.61 -15.70 -2.39
C TRP C 41 0.31 -15.34 -1.69
N TYR C 42 -0.72 -15.01 -2.46
CA TYR C 42 -1.99 -14.57 -1.91
C TYR C 42 -3.13 -15.43 -2.41
N GLN C 43 -4.13 -15.59 -1.55
CA GLN C 43 -5.36 -16.31 -1.87
C GLN C 43 -6.53 -15.35 -1.75
N GLN C 44 -7.45 -15.41 -2.72
CA GLN C 44 -8.63 -14.55 -2.73
C GLN C 44 -9.87 -15.43 -2.83
N LYS C 45 -10.51 -15.71 -1.69
CA LYS C 45 -11.80 -16.35 -1.70
C LYS C 45 -12.79 -15.49 -2.50
N PRO C 46 -13.86 -16.09 -3.02
CA PRO C 46 -14.76 -15.33 -3.90
C PRO C 46 -15.54 -14.29 -3.11
N GLY C 47 -15.30 -13.02 -3.44
CA GLY C 47 -15.94 -11.91 -2.76
C GLY C 47 -15.18 -11.35 -1.58
N GLN C 48 -14.12 -12.01 -1.15
CA GLN C 48 -13.32 -11.56 -0.02
C GLN C 48 -12.05 -10.87 -0.49
N SER C 49 -11.45 -10.11 0.41
CA SER C 49 -10.18 -9.45 0.10
C SER C 49 -9.05 -10.49 0.10
N PRO C 50 -8.04 -10.29 -0.73
CA PRO C 50 -6.91 -11.24 -0.75
C PRO C 50 -6.30 -11.41 0.64
N LYS C 51 -5.85 -12.62 0.91
CA LYS C 51 -5.16 -12.95 2.15
C LYS C 51 -3.78 -13.51 1.83
N LEU C 52 -2.83 -13.32 2.74
CA LEU C 52 -1.46 -13.76 2.55
C LEU C 52 -1.23 -15.09 3.24
N LEU C 53 -0.63 -16.04 2.52
CA LEU C 53 -0.33 -17.36 3.08
C LEU C 53 1.09 -17.85 2.76
N ILE C 54 1.97 -17.00 2.22
CA ILE C 54 3.38 -17.37 2.10
C ILE C 54 4.23 -16.16 1.74
N TYR C 55 5.24 -15.85 2.57
CA TYR C 55 6.17 -14.76 2.32
C TYR C 55 7.60 -15.27 2.40
N TRP C 56 8.52 -14.48 1.83
CA TRP C 56 9.93 -14.84 1.73
C TRP C 56 10.09 -16.26 1.17
N ALA C 57 9.47 -16.49 0.01
CA ALA C 57 9.58 -17.77 -0.69
C ALA C 57 8.98 -18.91 0.11
N SER C 58 9.67 -19.37 1.18
CA SER C 58 9.13 -20.41 2.04
C SER C 58 8.32 -19.76 3.15
N THR C 59 8.55 -20.20 4.40
CA THR C 59 8.01 -19.49 5.56
C THR C 59 6.51 -19.24 5.46
N ARG C 60 5.69 -20.26 5.73
CA ARG C 60 4.24 -20.06 5.75
C ARG C 60 3.87 -19.16 6.91
N GLU C 61 2.98 -18.19 6.65
CA GLU C 61 2.55 -17.26 7.69
C GLU C 61 1.72 -18.01 8.73
N SER C 62 1.73 -17.51 9.97
CA SER C 62 1.02 -18.20 11.04
C SER C 62 -0.46 -18.33 10.70
N GLY C 63 -1.02 -19.51 10.96
CA GLY C 63 -2.40 -19.80 10.69
C GLY C 63 -2.63 -20.63 9.44
N VAL C 64 -1.79 -20.47 8.41
CA VAL C 64 -1.94 -21.34 7.25
C VAL C 64 -1.73 -22.78 7.69
N PRO C 65 -2.56 -23.73 7.26
CA PRO C 65 -2.29 -25.14 7.57
C PRO C 65 -0.97 -25.62 6.99
N ASP C 66 -0.59 -26.84 7.39
CA ASP C 66 0.68 -27.44 6.99
C ASP C 66 0.64 -28.08 5.61
N ARG C 67 -0.45 -27.90 4.85
CA ARG C 67 -0.53 -28.52 3.52
C ARG C 67 0.03 -27.62 2.42
N PHE C 68 -0.06 -26.30 2.57
CA PHE C 68 0.55 -25.39 1.62
C PHE C 68 2.06 -25.40 1.78
N THR C 69 2.77 -25.33 0.65
CA THR C 69 4.23 -25.27 0.67
C THR C 69 4.72 -24.52 -0.55
N GLY C 70 5.58 -23.54 -0.33
CA GLY C 70 6.22 -22.81 -1.40
C GLY C 70 7.58 -23.37 -1.73
N SER C 71 8.06 -23.08 -2.94
CA SER C 71 9.34 -23.61 -3.40
C SER C 71 9.78 -22.83 -4.63
N GLY C 72 11.02 -23.04 -5.02
CA GLY C 72 11.60 -22.38 -6.18
C GLY C 72 12.78 -21.51 -5.81
N SER C 73 13.42 -20.98 -6.84
CA SER C 73 14.57 -20.10 -6.67
C SER C 73 14.92 -19.50 -8.03
N GLY C 74 15.58 -18.34 -7.98
CA GLY C 74 15.98 -17.66 -9.19
C GLY C 74 14.85 -16.89 -9.83
N THR C 75 14.26 -17.47 -10.89
CA THR C 75 13.12 -16.86 -11.57
C THR C 75 11.87 -17.72 -11.56
N ASP C 76 11.99 -19.02 -11.29
CA ASP C 76 10.85 -19.93 -11.29
C ASP C 76 10.49 -20.27 -9.86
N PHE C 77 9.25 -19.97 -9.48
CA PHE C 77 8.74 -20.26 -8.15
C PHE C 77 7.47 -21.10 -8.27
N THR C 78 7.13 -21.80 -7.18
CA THR C 78 6.03 -22.75 -7.21
C THR C 78 5.35 -22.83 -5.86
N LEU C 79 4.02 -22.90 -5.89
CA LEU C 79 3.20 -23.17 -4.73
C LEU C 79 2.53 -24.53 -4.93
N THR C 80 2.60 -25.38 -3.92
CA THR C 80 2.09 -26.74 -4.03
C THR C 80 1.10 -27.00 -2.90
N ILE C 81 -0.14 -27.33 -3.25
CA ILE C 81 -1.20 -27.65 -2.31
C ILE C 81 -1.28 -29.17 -2.19
N SER C 82 -0.91 -29.72 -1.05
CA SER C 82 -1.25 -31.12 -0.78
C SER C 82 -2.73 -31.24 -0.43
N SER C 83 -3.39 -32.27 -0.98
CA SER C 83 -4.78 -32.56 -0.66
C SER C 83 -5.70 -31.33 -0.71
N VAL C 84 -6.12 -30.95 -1.91
CA VAL C 84 -6.98 -29.78 -2.06
C VAL C 84 -8.24 -29.96 -1.21
N LYS C 85 -8.68 -28.87 -0.56
CA LYS C 85 -9.86 -28.86 0.29
C LYS C 85 -10.85 -27.81 -0.22
N ALA C 86 -12.03 -27.79 0.39
CA ALA C 86 -13.08 -26.87 -0.05
C ALA C 86 -12.63 -25.42 0.07
N GLU C 87 -12.25 -25.02 1.29
CA GLU C 87 -11.77 -23.65 1.49
C GLU C 87 -10.62 -23.29 0.55
N ASP C 88 -9.99 -24.29 -0.07
CA ASP C 88 -8.88 -24.05 -0.99
C ASP C 88 -9.34 -23.57 -2.36
N LEU C 89 -10.63 -23.64 -2.67
CA LEU C 89 -11.13 -23.19 -3.96
C LEU C 89 -11.12 -21.66 -3.99
N ALA C 90 -10.24 -21.08 -4.82
CA ALA C 90 -10.11 -19.64 -4.91
C ALA C 90 -9.02 -19.23 -5.89
N VAL C 91 -8.81 -17.93 -6.07
CA VAL C 91 -7.80 -17.40 -6.97
C VAL C 91 -6.50 -17.21 -6.20
N TYR C 92 -5.38 -17.51 -6.85
CA TYR C 92 -4.07 -17.47 -6.22
C TYR C 92 -3.14 -16.58 -7.04
N TYR C 93 -2.61 -15.54 -6.39
CA TYR C 93 -1.69 -14.60 -7.01
C TYR C 93 -0.30 -14.75 -6.41
N CYS C 94 0.71 -14.36 -7.19
CA CYS C 94 2.09 -14.25 -6.72
C CYS C 94 2.55 -12.81 -6.90
N GLN C 95 3.22 -12.27 -5.88
CA GLN C 95 3.64 -10.87 -5.86
C GLN C 95 5.14 -10.77 -5.66
N GLN C 96 5.83 -10.20 -6.63
CA GLN C 96 7.24 -9.84 -6.52
C GLN C 96 7.32 -8.33 -6.33
N TYR C 97 7.62 -7.91 -5.10
CA TYR C 97 7.69 -6.48 -4.77
C TYR C 97 6.37 -5.79 -5.12
N GLU C 98 6.34 -5.05 -6.24
CA GLU C 98 5.12 -4.35 -6.63
C GLU C 98 4.38 -5.04 -7.78
N THR C 99 5.00 -5.99 -8.47
CA THR C 99 4.37 -6.68 -9.58
C THR C 99 3.67 -7.94 -9.08
N LEU C 100 2.55 -8.26 -9.72
CA LEU C 100 1.76 -9.43 -9.36
C LEU C 100 1.47 -10.26 -10.61
N GLY C 101 1.11 -11.52 -10.38
CA GLY C 101 0.84 -12.43 -11.47
C GLY C 101 -0.57 -12.30 -12.01
N SER C 102 -0.82 -13.03 -13.09
CA SER C 102 -2.12 -13.00 -13.74
C SER C 102 -3.20 -13.71 -12.93
N GLY C 103 -2.83 -14.42 -11.87
CA GLY C 103 -3.80 -15.15 -11.07
C GLY C 103 -4.16 -16.49 -11.66
N THR C 104 -4.45 -17.47 -10.80
CA THR C 104 -4.83 -18.81 -11.23
C THR C 104 -6.09 -19.21 -10.47
N LYS C 105 -7.20 -19.34 -11.19
CA LYS C 105 -8.47 -19.74 -10.58
C LYS C 105 -8.47 -21.25 -10.38
N LEU C 106 -8.58 -21.67 -9.12
CA LEU C 106 -8.60 -23.09 -8.77
C LEU C 106 -10.04 -23.58 -8.74
N GLU C 107 -10.38 -24.48 -9.66
CA GLU C 107 -11.71 -25.08 -9.72
C GLU C 107 -11.65 -26.50 -9.17
N ILE C 108 -12.74 -26.90 -8.53
CA ILE C 108 -12.84 -28.19 -7.85
C ILE C 108 -13.92 -29.02 -8.53
N LYS C 109 -13.63 -30.29 -8.76
CA LYS C 109 -14.56 -31.21 -9.37
C LYS C 109 -15.25 -32.06 -8.30
N ARG C 110 -16.51 -32.43 -8.56
CA ARG C 110 -17.28 -33.22 -7.62
C ARG C 110 -18.31 -34.03 -8.40
N THR C 111 -18.99 -34.92 -7.68
CA THR C 111 -20.01 -35.77 -8.28
C THR C 111 -21.17 -34.93 -8.80
N VAL C 112 -21.87 -35.48 -9.80
CA VAL C 112 -23.05 -34.81 -10.33
C VAL C 112 -24.12 -34.70 -9.24
N ALA C 113 -24.78 -33.54 -9.19
CA ALA C 113 -25.82 -33.27 -8.21
C ALA C 113 -27.07 -32.77 -8.93
N ALA C 114 -28.22 -33.30 -8.55
CA ALA C 114 -29.47 -32.87 -9.15
C ALA C 114 -29.88 -31.51 -8.59
N PRO C 115 -30.34 -30.58 -9.43
CA PRO C 115 -30.72 -29.25 -8.93
C PRO C 115 -32.07 -29.29 -8.21
N SER C 116 -32.11 -28.68 -7.03
CA SER C 116 -33.36 -28.50 -6.29
C SER C 116 -34.05 -27.27 -6.86
N VAL C 117 -35.09 -27.49 -7.66
CA VAL C 117 -35.74 -26.42 -8.41
C VAL C 117 -36.90 -25.86 -7.59
N PHE C 118 -37.02 -24.53 -7.61
CA PHE C 118 -38.13 -23.84 -6.95
C PHE C 118 -38.57 -22.67 -7.81
N ILE C 119 -39.82 -22.27 -7.63
CA ILE C 119 -40.41 -21.18 -8.39
C ILE C 119 -41.17 -20.26 -7.43
N PHE C 120 -41.17 -18.97 -7.75
CA PHE C 120 -41.82 -17.97 -6.90
C PHE C 120 -42.55 -16.97 -7.79
N PRO C 121 -43.82 -16.70 -7.52
CA PRO C 121 -44.57 -15.74 -8.35
C PRO C 121 -44.29 -14.31 -7.89
N PRO C 122 -44.75 -13.32 -8.65
CA PRO C 122 -44.54 -11.92 -8.24
C PRO C 122 -45.35 -11.60 -6.99
N SER C 123 -44.78 -10.76 -6.13
CA SER C 123 -45.47 -10.31 -4.94
C SER C 123 -46.53 -9.28 -5.30
N ASP C 124 -47.55 -9.17 -4.44
CA ASP C 124 -48.60 -8.20 -4.67
C ASP C 124 -48.10 -6.77 -4.49
N GLU C 125 -47.13 -6.57 -3.60
CA GLU C 125 -46.54 -5.24 -3.46
C GLU C 125 -45.88 -4.79 -4.76
N GLN C 126 -45.26 -5.73 -5.48
CA GLN C 126 -44.66 -5.40 -6.77
C GLN C 126 -45.72 -5.21 -7.84
N LEU C 127 -46.70 -6.12 -7.89
CA LEU C 127 -47.78 -5.98 -8.86
C LEU C 127 -48.49 -4.65 -8.73
N LYS C 128 -48.52 -4.08 -7.52
CA LYS C 128 -49.13 -2.77 -7.32
C LYS C 128 -48.29 -1.65 -7.93
N SER C 129 -47.00 -1.89 -8.19
CA SER C 129 -46.16 -0.87 -8.77
C SER C 129 -46.39 -0.72 -10.27
N GLY C 130 -46.35 -1.84 -10.99
CA GLY C 130 -46.59 -1.81 -12.42
C GLY C 130 -45.94 -2.96 -13.18
N THR C 131 -44.90 -3.54 -12.60
CA THR C 131 -44.16 -4.64 -13.22
C THR C 131 -44.35 -5.93 -12.42
N ALA C 132 -43.98 -7.04 -13.04
CA ALA C 132 -44.09 -8.35 -12.43
C ALA C 132 -42.81 -9.13 -12.72
N SER C 133 -42.27 -9.79 -11.69
CA SER C 133 -41.03 -10.54 -11.79
C SER C 133 -41.25 -11.94 -11.27
N VAL C 134 -41.07 -12.94 -12.14
CA VAL C 134 -41.15 -14.35 -11.77
C VAL C 134 -39.74 -14.88 -11.61
N VAL C 135 -39.51 -15.64 -10.54
CA VAL C 135 -38.18 -16.13 -10.19
C VAL C 135 -38.18 -17.65 -10.20
N CYS C 136 -37.14 -18.24 -10.78
CA CYS C 136 -36.93 -19.67 -10.82
C CYS C 136 -35.53 -19.97 -10.29
N LEU C 137 -35.43 -20.87 -9.32
CA LEU C 137 -34.18 -21.11 -8.61
C LEU C 137 -33.74 -22.56 -8.77
N LEU C 138 -32.51 -22.74 -9.23
CA LEU C 138 -31.83 -24.03 -9.19
C LEU C 138 -30.81 -23.97 -8.05
N ASN C 139 -30.98 -24.85 -7.06
CA ASN C 139 -30.18 -24.81 -5.84
C ASN C 139 -29.29 -26.05 -5.76
N ASN C 140 -27.99 -25.82 -5.55
CA ASN C 140 -27.05 -26.87 -5.23
C ASN C 140 -27.06 -27.99 -6.27
N PHE C 141 -26.34 -27.78 -7.37
CA PHE C 141 -26.22 -28.75 -8.43
C PHE C 141 -24.79 -28.71 -8.98
N TYR C 142 -24.43 -29.75 -9.74
CA TYR C 142 -23.14 -29.83 -10.40
C TYR C 142 -23.34 -30.57 -11.70
N PRO C 143 -22.77 -30.09 -12.82
CA PRO C 143 -21.85 -28.95 -12.97
C PRO C 143 -22.57 -27.62 -13.18
N ARG C 144 -21.85 -26.63 -13.70
CA ARG C 144 -22.39 -25.27 -13.82
C ARG C 144 -23.54 -25.20 -14.81
N GLU C 145 -23.31 -25.66 -16.04
CA GLU C 145 -24.27 -25.41 -17.11
C GLU C 145 -25.62 -26.07 -16.80
N ALA C 146 -26.68 -25.28 -16.95
CA ALA C 146 -28.05 -25.78 -16.95
C ALA C 146 -28.84 -24.95 -17.95
N LYS C 147 -29.86 -25.56 -18.53
CA LYS C 147 -30.71 -24.90 -19.52
C LYS C 147 -32.07 -24.64 -18.88
N VAL C 148 -32.31 -23.38 -18.52
CA VAL C 148 -33.57 -22.95 -17.94
C VAL C 148 -34.43 -22.35 -19.04
N GLN C 149 -35.70 -22.76 -19.10
CA GLN C 149 -36.62 -22.34 -20.14
C GLN C 149 -37.88 -21.78 -19.50
N TRP C 150 -38.17 -20.51 -19.75
CA TRP C 150 -39.38 -19.87 -19.27
C TRP C 150 -40.47 -19.95 -20.32
N LYS C 151 -41.69 -20.25 -19.88
CA LYS C 151 -42.82 -20.36 -20.80
C LYS C 151 -44.11 -20.08 -20.05
N VAL C 152 -44.93 -19.20 -20.60
CA VAL C 152 -46.25 -18.90 -20.05
C VAL C 152 -47.27 -19.79 -20.74
N ASP C 153 -48.11 -20.44 -19.94
CA ASP C 153 -49.00 -21.47 -20.47
C ASP C 153 -48.15 -22.50 -21.22
N ASN C 154 -48.10 -22.39 -22.54
CA ASN C 154 -47.20 -23.21 -23.35
C ASN C 154 -46.33 -22.38 -24.30
N ALA C 155 -46.55 -21.06 -24.37
CA ALA C 155 -45.68 -20.19 -25.14
C ALA C 155 -44.40 -19.94 -24.37
N LEU C 156 -43.26 -20.14 -25.03
CA LEU C 156 -41.96 -19.87 -24.43
C LEU C 156 -41.61 -18.40 -24.63
N GLN C 157 -40.96 -17.82 -23.63
CA GLN C 157 -40.57 -16.42 -23.66
C GLN C 157 -39.09 -16.29 -23.95
N SER C 158 -38.72 -15.17 -24.58
CA SER C 158 -37.33 -14.91 -24.93
C SER C 158 -37.10 -13.42 -25.00
N GLY C 159 -35.92 -12.99 -24.56
CA GLY C 159 -35.55 -11.59 -24.58
C GLY C 159 -35.96 -10.79 -23.37
N ASN C 160 -36.49 -11.43 -22.34
CA ASN C 160 -36.92 -10.72 -21.14
C ASN C 160 -36.77 -11.64 -19.93
N SER C 161 -35.59 -12.28 -19.81
CA SER C 161 -35.32 -13.19 -18.70
C SER C 161 -33.82 -13.20 -18.45
N GLN C 162 -33.41 -12.64 -17.33
CA GLN C 162 -31.99 -12.55 -16.94
C GLN C 162 -31.71 -13.54 -15.83
N GLU C 163 -30.53 -14.17 -15.88
CA GLU C 163 -30.15 -15.19 -14.93
C GLU C 163 -28.79 -14.87 -14.32
N SER C 164 -28.54 -15.48 -13.16
CA SER C 164 -27.28 -15.29 -12.45
C SER C 164 -26.85 -16.63 -11.85
N VAL C 165 -25.57 -16.68 -11.45
CA VAL C 165 -25.01 -17.89 -10.86
C VAL C 165 -23.95 -17.47 -9.84
N THR C 166 -24.06 -18.02 -8.63
CA THR C 166 -23.06 -17.78 -7.60
C THR C 166 -21.81 -18.62 -7.87
N GLU C 167 -20.70 -18.17 -7.32
CA GLU C 167 -19.47 -18.95 -7.41
C GLU C 167 -19.66 -20.32 -6.77
N GLN C 168 -18.77 -21.24 -7.11
CA GLN C 168 -18.85 -22.59 -6.57
C GLN C 168 -18.80 -22.54 -5.04
N ASP C 169 -19.84 -23.05 -4.39
CA ASP C 169 -19.84 -23.12 -2.94
C ASP C 169 -18.58 -23.84 -2.46
N SER C 170 -17.96 -23.31 -1.41
CA SER C 170 -16.74 -23.94 -0.91
C SER C 170 -17.03 -25.36 -0.43
N LYS C 171 -17.94 -25.50 0.54
CA LYS C 171 -18.09 -26.77 1.24
C LYS C 171 -18.42 -27.91 0.29
N ASP C 172 -19.56 -27.81 -0.41
CA ASP C 172 -20.06 -28.91 -1.23
C ASP C 172 -19.75 -28.73 -2.71
N SER C 173 -19.00 -27.71 -3.09
CA SER C 173 -18.54 -27.52 -4.46
C SER C 173 -19.72 -27.53 -5.45
N THR C 174 -20.81 -26.89 -5.06
CA THR C 174 -22.01 -26.83 -5.87
C THR C 174 -22.27 -25.40 -6.32
N TYR C 175 -23.19 -25.27 -7.27
CA TYR C 175 -23.58 -23.98 -7.83
C TYR C 175 -25.05 -23.72 -7.54
N SER C 176 -25.48 -22.51 -7.88
CA SER C 176 -26.88 -22.10 -7.74
C SER C 176 -27.17 -21.08 -8.84
N LEU C 177 -28.36 -21.16 -9.41
CA LEU C 177 -28.75 -20.33 -10.55
C LEU C 177 -30.11 -19.71 -10.29
N SER C 178 -30.22 -18.41 -10.53
CA SER C 178 -31.45 -17.67 -10.31
C SER C 178 -31.83 -16.94 -11.59
N SER C 179 -32.96 -17.30 -12.16
CA SER C 179 -33.49 -16.66 -13.37
C SER C 179 -34.69 -15.79 -13.01
N THR C 180 -34.74 -14.59 -13.61
CA THR C 180 -35.80 -13.63 -13.33
C THR C 180 -36.44 -13.21 -14.64
N LEU C 181 -37.74 -13.47 -14.77
CA LEU C 181 -38.51 -13.07 -15.94
C LEU C 181 -39.28 -11.80 -15.60
N THR C 182 -38.95 -10.71 -16.31
CA THR C 182 -39.57 -9.42 -16.07
C THR C 182 -40.63 -9.14 -17.13
N LEU C 183 -41.78 -8.64 -16.69
CA LEU C 183 -42.88 -8.32 -17.59
C LEU C 183 -43.72 -7.21 -16.97
N SER C 184 -44.65 -6.70 -17.77
CA SER C 184 -45.56 -5.66 -17.31
C SER C 184 -46.74 -6.27 -16.56
N LYS C 185 -47.35 -5.47 -15.69
CA LYS C 185 -48.51 -5.94 -14.95
C LYS C 185 -49.65 -6.31 -15.90
N ALA C 186 -49.86 -5.52 -16.94
CA ALA C 186 -50.89 -5.85 -17.93
C ALA C 186 -50.56 -7.16 -18.62
N ASP C 187 -49.36 -7.26 -19.20
CA ASP C 187 -48.94 -8.50 -19.83
C ASP C 187 -48.93 -9.66 -18.83
N TYR C 188 -48.76 -9.36 -17.55
CA TYR C 188 -48.78 -10.41 -16.54
C TYR C 188 -50.17 -11.00 -16.38
N GLU C 189 -51.14 -10.17 -15.97
CA GLU C 189 -52.50 -10.64 -15.78
C GLU C 189 -53.18 -11.02 -17.09
N LYS C 190 -52.57 -10.70 -18.23
CA LYS C 190 -53.12 -11.16 -19.51
C LYS C 190 -53.09 -12.68 -19.60
N HIS C 191 -51.89 -13.26 -19.48
CA HIS C 191 -51.75 -14.71 -19.42
C HIS C 191 -52.16 -15.19 -18.03
N LYS C 192 -51.94 -16.47 -17.73
CA LYS C 192 -52.44 -17.03 -16.48
C LYS C 192 -51.53 -18.12 -15.92
N VAL C 193 -50.85 -18.86 -16.79
CA VAL C 193 -49.99 -19.96 -16.38
C VAL C 193 -48.54 -19.58 -16.65
N TYR C 194 -47.65 -19.94 -15.74
CA TYR C 194 -46.23 -19.67 -15.86
C TYR C 194 -45.44 -20.89 -15.40
N ALA C 195 -44.47 -21.32 -16.20
CA ALA C 195 -43.73 -22.53 -15.95
C ALA C 195 -42.24 -22.30 -16.12
N CYS C 196 -41.44 -23.11 -15.43
CA CYS C 196 -39.98 -23.07 -15.52
C CYS C 196 -39.48 -24.49 -15.70
N GLU C 197 -39.03 -24.82 -16.91
CA GLU C 197 -38.50 -26.15 -17.23
C GLU C 197 -36.99 -26.07 -17.28
N VAL C 198 -36.31 -27.02 -16.62
CA VAL C 198 -34.87 -27.04 -16.55
C VAL C 198 -34.36 -28.34 -17.17
N THR C 199 -33.16 -28.26 -17.75
CA THR C 199 -32.48 -29.41 -18.33
C THR C 199 -31.10 -29.50 -17.71
N HIS C 200 -30.79 -30.64 -17.10
CA HIS C 200 -29.51 -30.83 -16.43
C HIS C 200 -29.12 -32.31 -16.51
N GLN C 201 -27.82 -32.55 -16.53
CA GLN C 201 -27.33 -33.92 -16.67
C GLN C 201 -27.81 -34.79 -15.52
N GLY C 202 -27.84 -34.25 -14.31
CA GLY C 202 -28.33 -34.99 -13.15
C GLY C 202 -29.81 -35.31 -13.20
N LEU C 203 -30.55 -34.73 -14.13
CA LEU C 203 -31.97 -34.96 -14.27
C LEU C 203 -32.21 -35.85 -15.49
N SER C 204 -32.87 -36.99 -15.28
CA SER C 204 -33.18 -37.88 -16.39
C SER C 204 -34.17 -37.22 -17.35
N SER C 205 -35.22 -36.60 -16.82
CA SER C 205 -36.20 -35.89 -17.61
C SER C 205 -36.23 -34.42 -17.20
N PRO C 206 -36.56 -33.52 -18.12
CA PRO C 206 -36.62 -32.08 -17.77
C PRO C 206 -37.71 -31.81 -16.75
N VAL C 207 -37.31 -31.33 -15.58
CA VAL C 207 -38.25 -31.03 -14.50
C VAL C 207 -38.92 -29.69 -14.78
N THR C 208 -40.26 -29.67 -14.73
CA THR C 208 -41.04 -28.47 -14.99
C THR C 208 -41.89 -28.17 -13.76
N LYS C 209 -41.48 -27.16 -12.99
CA LYS C 209 -42.25 -26.65 -11.87
C LYS C 209 -42.95 -25.38 -12.30
N SER C 210 -44.25 -25.27 -12.01
CA SER C 210 -45.05 -24.19 -12.56
C SER C 210 -46.14 -23.80 -11.58
N PHE C 211 -46.77 -22.66 -11.86
CA PHE C 211 -47.94 -22.17 -11.14
C PHE C 211 -48.91 -21.60 -12.16
N ASN C 212 -50.12 -21.27 -11.68
CA ASN C 212 -51.16 -20.75 -12.58
C ASN C 212 -52.13 -19.89 -11.76
N ARG C 213 -51.69 -18.66 -11.49
CA ARG C 213 -52.51 -17.68 -10.80
C ARG C 213 -52.78 -16.44 -11.63
N GLY C 214 -51.80 -15.99 -12.42
CA GLY C 214 -51.99 -14.82 -13.28
C GLY C 214 -52.33 -13.57 -12.50
C1 NAG D . 28.72 23.55 5.78
C2 NAG D . 27.91 24.50 6.66
C3 NAG D . 28.24 25.91 6.34
C4 NAG D . 29.71 26.12 6.52
C5 NAG D . 30.48 25.29 5.50
C6 NAG D . 31.97 25.49 5.72
C7 NAG D . 25.57 23.95 7.59
C8 NAG D . 24.09 23.68 7.37
N2 NAG D . 26.45 24.24 6.44
O3 NAG D . 27.50 26.77 7.24
O4 NAG D . 30.04 27.49 6.35
O5 NAG D . 30.19 23.87 5.65
O6 NAG D . 32.37 24.78 6.90
O7 NAG D . 26.02 23.94 8.68
H1 NAG D . 28.33 23.59 4.89
H2 NAG D . 28.11 24.33 7.60
H3 NAG D . 27.96 26.14 5.44
H4 NAG D . 29.94 25.87 7.42
H5 NAG D . 30.27 25.58 4.60
H61 NAG D . 32.16 26.43 5.84
H62 NAG D . 32.47 25.16 4.96
H81 NAG D . 23.65 23.61 8.23
H82 NAG D . 23.98 22.86 6.88
H83 NAG D . 23.70 24.41 6.88
HN2 NAG D . 26.13 24.24 5.64
HO3 NAG D . 27.38 27.53 6.85
HO6 NAG D . 33.13 25.06 7.16
C1 NAG D . 30.01 28.12 7.64
C2 NAG D . 30.81 29.40 7.60
C3 NAG D . 30.73 30.09 8.92
C4 NAG D . 29.31 30.35 9.28
C5 NAG D . 28.49 29.06 9.33
C6 NAG D . 27.02 29.41 9.56
C7 NAG D . 32.73 29.15 5.90
C8 NAG D . 34.18 28.81 5.58
N2 NAG D . 32.24 29.07 7.28
O3 NAG D . 31.44 31.34 8.83
O4 NAG D . 29.25 30.99 10.56
O5 NAG D . 28.58 28.31 8.08
O6 NAG D . 26.45 29.88 8.34
O7 NAG D . 31.99 29.49 5.03
H1 NAG D . 30.44 27.55 8.30
H2 NAG D . 30.49 30.00 6.91
H3 NAG D . 31.16 29.55 9.60
H4 NAG D . 28.93 30.94 8.63
H5 NAG D . 28.79 28.51 10.06
H61 NAG D . 26.96 30.11 10.23
H62 NAG D . 26.54 28.62 9.86
H81 NAG D . 34.26 28.59 4.63
H82 NAG D . 34.45 28.04 6.11
H83 NAG D . 34.74 29.56 5.77
HN2 NAG D . 32.77 28.81 7.91
HO3 NAG D . 32.28 31.19 8.90
HO6 NAG D . 26.24 29.21 7.85
C1 BMA D . 28.96 32.37 10.28
C2 BMA D . 28.90 33.22 11.53
C3 BMA D . 28.40 34.56 11.16
C4 BMA D . 29.27 35.21 10.11
C5 BMA D . 29.74 34.32 8.96
C6 BMA D . 31.03 34.91 8.44
O2 BMA D . 30.20 33.32 12.12
O3 BMA D . 28.44 35.47 12.29
O4 BMA D . 28.54 36.31 9.55
O5 BMA D . 30.01 32.93 9.34
O6 BMA D . 32.08 34.45 9.25
H1 BMA D . 28.08 32.39 9.88
H2 BMA D . 28.32 32.82 12.20
H3 BMA D . 27.49 34.43 10.86
H4 BMA D . 30.07 35.50 10.58
H5 BMA D . 29.04 34.31 8.29
H61 BMA D . 30.98 35.88 8.48
H62 BMA D . 31.17 34.63 7.53
HO2 BMA D . 30.26 32.74 12.74
HO4 BMA D . 27.90 36.00 9.08
C1 MAN D . 27.47 35.24 13.32
C2 MAN D . 26.07 35.02 12.79
C3 MAN D . 25.02 35.26 13.82
C4 MAN D . 25.55 35.26 15.22
C5 MAN D . 26.62 36.34 15.41
C6 MAN D . 27.44 36.03 16.63
O2 MAN D . 25.95 33.64 12.37
O3 MAN D . 24.00 34.21 13.71
O4 MAN D . 24.49 35.50 16.14
O5 MAN D . 27.52 36.43 14.25
O6 MAN D . 28.64 35.40 16.24
H1 MAN D . 27.68 34.40 13.76
H2 MAN D . 25.92 35.63 12.05
H3 MAN D . 24.61 36.12 13.64
H4 MAN D . 25.94 34.39 15.41
H5 MAN D . 26.17 37.19 15.55
H61 MAN D . 26.95 35.45 17.22
H62 MAN D . 27.66 36.86 17.09
HO2 MAN D . 25.61 33.62 11.59
HO3 MAN D . 23.24 34.55 13.85
HO4 MAN D . 24.54 34.96 16.79
HO6 MAN D . 28.45 34.66 15.85
C1 MAN D . 33.03 35.50 9.57
C2 MAN D . 32.81 36.00 10.99
C3 MAN D . 33.86 36.94 11.44
C4 MAN D . 34.59 37.56 10.28
C5 MAN D . 33.65 37.85 9.11
C6 MAN D . 34.39 38.58 8.04
O2 MAN D . 32.81 34.86 11.88
O3 MAN D . 34.82 36.24 12.27
O4 MAN D . 35.20 38.78 10.71
O5 MAN D . 33.06 36.62 8.56
O6 MAN D . 35.56 37.87 7.73
H2 MAN D . 31.95 36.45 11.03
H3 MAN D . 33.45 37.66 11.96
H4 MAN D . 35.29 36.95 9.98
H5 MAN D . 32.92 38.43 9.44
H61 MAN D . 34.62 39.47 8.33
H62 MAN D . 33.83 38.64 7.24
HO2 MAN D . 32.02 34.74 12.17
HO3 MAN D . 34.98 36.70 12.97
HO4 MAN D . 36.02 38.80 10.44
HO6 MAN D . 35.39 37.28 7.14
C1 NAG E . 24.42 24.62 -21.82
C2 NAG E . 23.32 23.58 -21.87
C3 NAG E . 22.50 23.68 -23.10
C4 NAG E . 22.03 25.07 -23.34
C5 NAG E . 23.21 26.03 -23.55
C6 NAG E . 22.89 27.35 -22.87
C7 NAG E . 24.09 21.47 -20.61
C8 NAG E . 24.76 20.10 -20.62
N2 NAG E . 23.98 22.23 -21.86
O3 NAG E . 21.34 22.81 -22.97
O4 NAG E . 21.21 25.08 -24.50
O5 NAG E . 24.49 25.47 -23.06
O6 NAG E . 24.03 28.19 -22.86
O7 NAG E . 23.65 21.90 -19.60
H1 NAG E . 25.27 24.17 -21.70
H2 NAG E . 22.73 23.69 -21.10
H3 NAG E . 23.02 23.38 -23.85
H4 NAG E . 21.50 25.38 -22.58
H5 NAG E . 23.33 26.19 -24.50
H61 NAG E . 22.61 27.18 -21.95
H62 NAG E . 22.16 27.79 -23.34
H81 NAG E . 25.58 20.14 -21.15
H82 NAG E . 24.16 19.45 -21.02
H83 NAG E . 24.98 19.84 -19.72
HN2 NAG E . 24.30 21.92 -22.59
HO3 NAG E . 21.02 22.66 -23.74
HO4 NAG E . 21.02 25.88 -24.72
HO6 NAG E . 23.80 29.00 -22.81
N NH4 F . 39.62 10.90 5.53
HN1 NH4 F . 39.95 11.79 5.28
HN2 NH4 F . 38.75 11.00 5.97
HN3 NH4 F . 39.51 10.36 4.73
HN4 NH4 F . 40.25 10.47 6.14
N NH4 G . 0.17 17.56 0.65
HN1 NH4 G . 0.52 18.44 0.40
HN2 NH4 G . -0.70 17.66 1.08
HN3 NH4 G . 0.06 17.01 -0.17
HN4 NH4 G . 0.80 17.12 1.25
N NH4 H . 37.44 -9.71 14.58
HN1 NH4 H . 37.78 -8.81 14.33
HN2 NH4 H . 36.57 -9.61 15.03
HN3 NH4 H . 37.33 -10.24 13.77
HN4 NH4 H . 38.07 -10.14 15.18
C1 EDO I . 2.78 17.15 -4.41
O1 EDO I . 3.16 17.82 -3.21
C2 EDO I . 1.28 16.88 -4.40
O2 EDO I . 0.96 15.96 -3.35
H11 EDO I . 3.04 17.76 -5.28
H12 EDO I . 3.32 16.21 -4.50
HO1 EDO I . 4.12 17.97 -3.21
H21 EDO I . 0.74 17.82 -4.26
H22 EDO I . 0.97 16.46 -5.36
HO2 EDO I . 0.01 15.78 -3.35
C1 EDO J . 1.06 19.01 8.96
O1 EDO J . 1.64 19.73 7.87
C2 EDO J . -0.32 18.50 8.58
O2 EDO J . -0.90 17.78 9.68
H11 EDO J . 0.97 19.67 9.83
H12 EDO J . 1.70 18.17 9.24
HO1 EDO J . 2.51 20.06 8.12
H21 EDO J . -0.97 19.34 8.30
H22 EDO J . -0.24 17.84 7.72
HO2 EDO J . -1.77 17.45 9.43
C1 PEG K . -3.55 15.05 24.39
O1 PEG K . -4.82 15.11 24.98
C2 PEG K . -2.69 16.21 24.90
O2 PEG K . -1.99 15.82 26.04
C3 PEG K . -2.77 15.67 27.20
C4 PEG K . -2.78 14.22 27.63
O4 PEG K . -3.45 14.10 28.86
H11 PEG K . -3.64 15.11 23.43
H12 PEG K . -3.13 14.21 24.62
HO1 PEG K . -5.41 14.89 24.41
H21 PEG K . -3.26 16.96 25.11
H22 PEG K . -2.06 16.46 24.20
H31 PEG K . -3.69 15.96 27.00
H32 PEG K . -2.40 16.23 27.90
H41 PEG K . -3.23 13.68 26.97
H42 PEG K . -1.86 13.90 27.73
HO4 PEG K . -4.18 13.70 28.75
NA NA L . 6.60 32.58 19.13
NA NA M . 4.37 29.80 9.40
NA NA N . 11.10 17.54 28.90
CL CL O . 14.89 20.41 8.73
C1 NAG P . -0.73 9.46 19.59
C2 NAG P . 0.41 8.62 20.18
C3 NAG P . 0.25 7.21 19.72
C4 NAG P . -1.09 6.63 20.04
C5 NAG P . -2.25 7.51 19.58
C6 NAG P . -3.56 7.01 20.18
C7 NAG P . 2.27 9.37 18.45
C8 NAG P . 1.48 9.08 17.18
N2 NAG P . 1.76 9.16 19.82
O3 NAG P . 1.26 6.39 20.35
O4 NAG P . -1.21 5.36 19.39
O5 NAG P . -2.06 8.90 20.00
O6 NAG P . -3.68 7.47 21.52
O7 NAG P . 3.37 9.79 18.34
H1 NAG P . -0.67 9.46 18.63
H2 NAG P . 0.36 8.69 21.15
H3 NAG P . 0.38 7.20 18.76
H4 NAG P . -1.14 6.50 21.01
H5 NAG P . -2.30 7.46 18.62
H61 NAG P . -4.30 7.34 19.65
H62 NAG P . -3.56 6.03 20.16
H81 NAG P . 0.72 9.69 17.13
H82 NAG P . 2.04 9.22 16.41
H83 NAG P . 1.16 8.17 17.19
HN2 NAG P . 2.29 9.34 20.47
HO3 NAG P . 1.25 5.62 20.01
HO4 NAG P . -1.95 5.31 18.98
HO6 NAG P . -4.26 8.08 21.55
C1 NAG Q . 35.20 -2.85 -3.56
C2 NAG Q . 36.14 -3.51 -4.55
C3 NAG Q . 35.37 -3.89 -5.77
C4 NAG Q . 34.23 -4.79 -5.45
C5 NAG Q . 33.30 -4.22 -4.38
C6 NAG Q . 32.34 -5.30 -3.89
C7 NAG Q . 38.59 -3.09 -5.18
C8 NAG Q . 39.72 -2.13 -5.54
N2 NAG Q . 37.24 -2.56 -4.90
O3 NAG Q . 36.26 -4.54 -6.69
O4 NAG Q . 33.46 -4.99 -6.64
O5 NAG Q . 34.04 -3.74 -3.20
O6 NAG Q . 31.27 -5.44 -4.83
O7 NAG Q . 38.80 -4.25 -5.13
H1 NAG Q . 34.85 -2.03 -3.96
H2 NAG Q . 36.55 -4.29 -4.15
H3 NAG Q . 35.03 -3.08 -6.18
H4 NAG Q . 34.59 -5.64 -5.15
H5 NAG Q . 32.81 -3.49 -4.76
H61 NAG Q . 32.80 -6.14 -3.81
H62 NAG Q . 31.97 -5.04 -3.04
H81 NAG Q . 39.34 -1.31 -5.93
H82 NAG Q . 40.22 -1.90 -4.75
H83 NAG Q . 40.30 -2.55 -6.19
HN2 NAG Q . 37.08 -1.72 -4.95
HO3 NAG Q . 36.45 -4.00 -7.33
HO4 NAG Q . 33.57 -4.33 -7.16
HO6 NAG Q . 30.56 -5.65 -4.42
C1 NAG R . 43.44 0.68 -0.36
C2 NAG R . 44.83 0.56 0.24
C3 NAG R . 45.83 1.12 -0.69
C4 NAG R . 45.88 0.37 -1.98
C5 NAG R . 44.52 0.36 -2.69
C6 NAG R . 44.21 -1.06 -3.17
C7 NAG R . 46.10 1.50 2.28
C8 NAG R . 46.13 2.33 3.57
N2 NAG R . 44.85 1.36 1.51
O3 NAG R . 47.16 1.08 -0.12
O4 NAG R . 46.86 0.98 -2.82
O5 NAG R . 43.42 0.90 -1.86
O6 NAG R . 43.00 -1.53 -2.60
O7 NAG R . 47.10 0.97 1.91
H1 NAG R . 43.00 1.44 0.05
H2 NAG R . 45.03 -0.37 0.44
H3 NAG R . 45.58 2.04 -0.82
H4 NAG R . 46.14 -0.56 -1.81
H5 NAG R . 44.58 0.93 -3.47
H61 NAG R . 44.94 -1.64 -2.90
H62 NAG R . 44.13 -1.05 -4.13
H81 NAG R . 45.33 2.15 4.08
H82 NAG R . 46.16 3.28 3.34
H83 NAG R . 46.91 2.10 4.08
HN2 NAG R . 44.14 1.75 1.79
HO3 NAG R . 47.64 1.68 -0.50
HO4 NAG R . 46.51 1.20 -3.55
HO6 NAG R . 42.86 -2.33 -2.88
C1 NAG S . 33.47 11.50 -10.29
C2 NAG S . 34.62 11.95 -11.16
C3 NAG S . 34.14 12.22 -12.54
C4 NAG S . 33.42 11.03 -13.13
C5 NAG S . 32.31 10.51 -12.21
C6 NAG S . 31.77 9.20 -12.75
C7 NAG S . 36.58 13.17 -10.03
C8 NAG S . 37.18 14.45 -9.46
N2 NAG S . 35.22 13.20 -10.60
O3 NAG S . 35.28 12.53 -13.38
O4 NAG S . 32.84 11.44 -14.38
O5 NAG S . 32.81 10.28 -10.85
O6 NAG S . 31.10 8.50 -11.70
O7 NAG S . 37.20 12.17 -10.02
H1 NAG S . 32.81 12.21 -10.22
H2 NAG S . 35.31 11.27 -11.18
H3 NAG S . 33.54 12.97 -12.53
H4 NAG S . 34.06 10.32 -13.28
H5 NAG S . 31.60 11.17 -12.20
H61 NAG S . 32.50 8.66 -13.08
H62 NAG S . 31.14 9.38 -13.47
H81 NAG S . 36.51 14.94 -8.97
H82 NAG S . 37.53 15.00 -10.17
H83 NAG S . 37.91 14.22 -8.84
HN2 NAG S . 34.77 13.93 -10.60
HO3 NAG S . 35.04 13.07 -13.98
HO4 NAG S . 32.09 11.04 -14.48
HO6 NAG S . 30.32 8.28 -11.96
C1 NAG T . 32.12 24.51 -10.13
C2 NAG T . 32.19 26.02 -10.29
C3 NAG T . 33.59 26.48 -10.48
C4 NAG T . 34.49 25.98 -9.40
C5 NAG T . 34.40 24.46 -9.19
C6 NAG T . 35.19 24.07 -7.96
C7 NAG T . 30.69 27.72 -11.52
C8 NAG T . 29.86 28.12 -12.73
N2 NAG T . 31.37 26.42 -11.49
O3 NAG T . 33.61 27.93 -10.48
O4 NAG T . 35.85 26.29 -9.76
O5 NAG T . 33.01 24.02 -9.02
O6 NAG T . 34.42 24.35 -6.79
O7 NAG T . 30.80 28.47 -10.60
H1 NAG T . 32.41 24.10 -10.97
H2 NAG T . 31.81 26.45 -9.51
H3 NAG T . 33.91 26.15 -11.34
H4 NAG T . 34.27 26.43 -8.58
H5 NAG T . 34.78 24.03 -9.97
H61 NAG T . 35.39 23.13 -7.99
H62 NAG T . 36.01 24.57 -7.93
H81 NAG T . 29.13 28.69 -12.44
H82 NAG T . 30.42 28.59 -13.36
H83 NAG T . 29.50 27.33 -13.15
HN2 NAG T . 31.30 25.88 -12.15
HO3 NAG T . 33.43 28.20 -11.26
HO4 NAG T . 36.10 26.98 -9.31
HO6 NAG T . 34.30 23.63 -6.35
C1 NAG U . 17.24 6.85 -23.49
C2 NAG U . 18.03 8.02 -24.04
C3 NAG U . 18.73 7.69 -25.30
C4 NAG U . 19.61 6.49 -25.14
C5 NAG U . 18.79 5.28 -24.69
C6 NAG U . 19.74 4.12 -24.41
C7 NAG U . 16.95 10.24 -23.30
C8 NAG U . 15.99 11.40 -23.55
N2 NAG U . 17.09 9.16 -24.29
O3 NAG U . 19.54 8.81 -25.71
O4 NAG U . 20.26 6.19 -26.36
O5 NAG U . 18.01 5.55 -23.48
O6 NAG U . 19.04 3.11 -23.68
O7 NAG U . 17.59 10.22 -22.30
H2 NAG U . 18.69 8.29 -23.38
H3 NAG U . 18.08 7.51 -25.99
H4 NAG U . 20.29 6.69 -24.47
H5 NAG U . 18.19 5.04 -25.42
H61 NAG U . 20.49 4.44 -23.88
H62 NAG U . 20.06 3.76 -25.25
H81 NAG U . 15.14 11.04 -23.86
H82 NAG U . 16.36 11.98 -24.23
H83 NAG U . 15.86 11.90 -22.73
HN2 NAG U . 16.62 9.19 -25.01
HO3 NAG U . 19.99 8.60 -26.41
HO4 NAG U . 20.85 5.59 -26.23
HO6 NAG U . 19.43 2.98 -22.94
C1 NAG V . 8.08 24.79 -5.86
C2 NAG V . 6.67 24.50 -5.38
C3 NAG V . 5.88 23.86 -6.44
C4 NAG V . 5.85 24.69 -7.70
C5 NAG V . 7.25 25.10 -8.16
C6 NAG V . 7.12 26.15 -9.25
C7 NAG V . 6.49 24.13 -2.84
C8 NAG V . 6.55 23.20 -1.63
N2 NAG V . 6.74 23.59 -4.18
O3 NAG V . 4.52 23.67 -5.98
O4 NAG V . 5.22 23.94 -8.73
O5 NAG V . 8.08 25.65 -7.09
O6 NAG V . 7.04 27.45 -8.67
O7 NAG V . 6.24 25.27 -2.68
H1 NAG V . 8.53 23.96 -6.05
H2 NAG V . 6.24 25.33 -5.10
H3 NAG V . 6.27 23.00 -6.65
H4 NAG V . 5.34 25.49 -7.51
H5 NAG V . 7.69 24.30 -8.51
H61 NAG V . 6.32 25.97 -9.78
H62 NAG V . 7.90 26.11 -9.84
H81 NAG V . 6.31 23.70 -0.82
H82 NAG V . 5.94 22.47 -1.74
H83 NAG V . 7.46 22.86 -1.54
HN2 NAG V . 6.93 22.76 -4.29
HO3 NAG V . 4.46 22.90 -5.63
HO4 NAG V . 4.43 24.22 -8.84
HO6 NAG V . 7.71 27.90 -8.90
C1 NAG W . 11.67 21.41 -15.37
C2 NAG W . 10.59 20.45 -15.84
C3 NAG W . 9.95 21.07 -17.02
C4 NAG W . 9.41 22.44 -16.73
C5 NAG W . 10.40 23.37 -16.03
C6 NAG W . 9.67 24.58 -15.48
C7 NAG W . 10.60 17.89 -15.61
C8 NAG W . 11.18 16.53 -15.98
N2 NAG W . 11.17 19.12 -16.20
O3 NAG W . 8.88 20.21 -17.48
O4 NAG W . 9.04 23.05 -17.97
O5 NAG W . 11.07 22.70 -14.92
O6 NAG W . 10.60 25.48 -14.88
O7 NAG W . 9.70 17.96 -14.84
H1 NAG W . 12.30 21.58 -16.09
H2 NAG W . 9.96 20.26 -15.13
H3 NAG W . 10.61 21.15 -17.72
H4 NAG W . 8.64 22.32 -16.15
H5 NAG W . 11.05 23.67 -16.69
H61 NAG W . 9.03 24.29 -14.81
H62 NAG W . 9.20 25.03 -16.20
H81 NAG W . 12.14 16.56 -15.93
H82 NAG W . 10.91 16.30 -16.88
H83 NAG W . 10.84 15.86 -15.36
HN2 NAG W . 11.82 19.07 -16.75
HO3 NAG W . 8.64 20.44 -18.26
HO4 NAG W . 8.62 23.78 -17.81
HO6 NAG W . 10.41 25.57 -14.05
C1 PEG X . -23.38 5.91 -19.46
O1 PEG X . -22.47 4.85 -19.62
C2 PEG X . -24.74 5.34 -19.04
O2 PEG X . -24.56 4.30 -18.12
C3 PEG X . -25.74 3.70 -17.70
C4 PEG X . -25.44 2.56 -16.75
O4 PEG X . -24.56 1.66 -17.36
H11 PEG X . -23.05 6.50 -18.77
H12 PEG X . -23.47 6.38 -20.30
HO1 PEG X . -21.70 5.16 -19.80
H21 PEG X . -25.26 6.04 -18.62
H22 PEG X . -25.21 5.01 -19.82
H31 PEG X . -26.23 3.37 -18.47
H32 PEG X . -26.30 4.36 -17.25
H41 PEG X . -26.25 2.09 -16.51
H42 PEG X . -25.03 2.91 -15.95
HO4 PEG X . -24.33 1.05 -16.81
NA NA Y . -19.21 1.57 -16.31
N NH4 Z . 6.92 -12.20 12.96
HN1 NH4 Z . 7.26 -11.31 12.72
HN2 NH4 Z . 6.05 -12.11 13.41
HN3 NH4 Z . 6.81 -12.74 12.15
HN4 NH4 Z . 7.56 -12.64 13.56
#